data_7STX
#
_entry.id   7STX
#
_cell.length_a   1.00
_cell.length_b   1.00
_cell.length_c   1.00
_cell.angle_alpha   90.00
_cell.angle_beta   90.00
_cell.angle_gamma   90.00
#
_symmetry.space_group_name_H-M   'P 1'
#
loop_
_entity.id
_entity.type
_entity.pdbx_description
1 polymer 'N-alpha-acetyltransferase 20'
2 polymer 'N-alpha-acetyltransferase 25, NatB auxiliary subunit'
3 polymer Alpha-synuclein
4 non-polymer 'COENZYME A'
#
loop_
_entity_poly.entity_id
_entity_poly.type
_entity_poly.pdbx_seq_one_letter_code
_entity_poly.pdbx_strand_id
1 'polypeptide(L)'
;MTTLRAFTCDDLFRFNNINLDPLTETYGIPFYLQYLAHWPEYFIVAEAPGGELMGYIMGKAEGSVAREEWHGHVTALSVA
PEFRRLGLAAKLMELLEEISERKGGFFVDLFVRVSNQVAVNMYKQLGYSVYRTVIEYYSASNGEPDEDAYDMRKALSRDT
EKKSIIPLPHPVRPEDIE
;
A
2 'polypeptide(L)'
;(UNK)(UNK)(UNK)(UNK)(UNK)(UNK)(UNK)(UNK)(UNK)(UNK)(UNK)(UNK)(UNK)(UNK)(UNK)(UNK)
(UNK)(UNK)(UNK)(UNK)(UNK)(UNK)(UNK)(UNK)(UNK)(UNK)(UNK)(UNK)HCAKVLKAIGLQRTGKQEEA
FTLAQEVAALEPTDDNSLQALTILYREMHRPELVTKLYEAAVKKVPNSEEYHSHLFMAYARVGEYKKMQQAGMALYKIVP
KNPYYFWSVMSLIMQSISAQDENLSKTMFLPLAERMVEKMVKEDKIEAEAEVELYYMILERLGKYQEALDVIRGKLGEKL
TSEIQSRENKCMAMYKKLSRWPECNALSRRLLLKNSDDWQFYLTYFDSVFRLIEEAWSPPAEGEHSLEGEVHYSAEKAVK
FIEDRITEESKSSRHLRGPHLAKLELIRRLRSQGCNDEYKLGDPEELMFQYFKKFGDKPCCFTDLKVFVDLLPATQCTKF
INQLLGVVPLSTPTEDKLALPADIRALQQHLCVVQLTRLLGLYHTMDKNQKLSVVRELMLRYQHGLEFGKTCLKTELQFS
DYYCLLAVHALIDVWRETGDETTVWQALTLLEEGLTHSPSNAQFKLLLVRIYCMLGAFEPVVDLYSSLDAKHIQHDTIGY
LLTRYAESLGQYAAASQSCNFALRFFHSNQKDTSEYIIQAYKYGAFEKIPEFIAFRNRLNNSLHFAQVRTERMLLDLLLE
ANISTSLAESIKSMNLRPEEDDIPWEDLRDNRDLNVFFSWDPKDRDVSEEHKKLSLEEETLWLRIRSLTLRLISGLPSLN
HPVEPKNSEKTAENGVSSRIDILRLLLQQLEATLETGKRFIEKDIQYPFLGPVPTRMGGFFNSGCSQCQISSFYLVNDIY
ELDTSGLEDTMEIQERIENSFKSLLDQLKDVFSKCKGDLLEVKDGNLKTHPTLLENLVFFVETISVILWVSSYCESVLRP
YKLNLQKKKKKKKETSIIMPPVFTSFQDYVTGLQTLISNVVDHIKGLETHLIALKLEELILEDTSLSPEERKFSKTVQGK
VQSSYLHSLLEMGELLKKRLETTKKLKI
;
B
3 'polypeptide(L)' (ACE)MDVFM C
#
# COMPACT_ATOMS: atom_id res chain seq x y z
N THR A 2 4.22 23.97 -3.79
CA THR A 2 4.01 23.87 -2.36
C THR A 2 4.70 22.63 -1.80
N THR A 3 5.56 22.85 -0.79
CA THR A 3 6.23 21.80 -0.02
C THR A 3 7.03 20.85 -0.91
N LEU A 4 8.15 21.35 -1.41
CA LEU A 4 9.05 20.56 -2.23
C LEU A 4 10.06 19.87 -1.32
N ARG A 5 9.67 18.73 -0.76
CA ARG A 5 10.53 18.04 0.19
C ARG A 5 11.13 16.80 -0.44
N ALA A 6 11.81 15.96 0.34
CA ALA A 6 12.45 14.77 -0.20
C ALA A 6 11.57 13.55 0.03
N PHE A 7 11.58 12.65 -0.94
CA PHE A 7 10.69 11.48 -0.93
C PHE A 7 11.15 10.49 0.10
N THR A 8 10.64 10.58 1.31
CA THR A 8 10.88 9.55 2.30
C THR A 8 10.22 8.24 1.92
N CYS A 9 10.78 7.11 2.31
CA CYS A 9 9.98 5.89 2.37
C CYS A 9 8.92 6.14 3.45
N ASP A 10 7.78 5.44 3.35
CA ASP A 10 6.45 5.73 3.92
C ASP A 10 5.74 6.80 3.12
N ASP A 11 6.30 7.20 1.98
CA ASP A 11 5.54 7.82 0.91
C ASP A 11 5.36 6.90 -0.27
N LEU A 12 5.85 5.67 -0.18
CA LEU A 12 5.47 4.67 -1.16
C LEU A 12 4.08 4.12 -0.90
N PHE A 13 3.44 4.52 0.21
CA PHE A 13 2.10 4.10 0.52
C PHE A 13 1.06 5.18 0.26
N ARG A 14 1.47 6.37 -0.17
CA ARG A 14 0.54 7.48 -0.38
C ARG A 14 0.56 7.99 -1.80
N PHE A 15 1.40 7.45 -2.66
CA PHE A 15 1.61 8.00 -4.00
C PHE A 15 0.70 7.32 -5.02
N ASN A 16 -0.58 7.20 -4.68
CA ASN A 16 -1.50 6.45 -5.51
C ASN A 16 -2.45 7.32 -6.31
N ASN A 17 -2.49 8.62 -6.08
CA ASN A 17 -3.11 9.47 -7.08
C ASN A 17 -2.15 9.80 -8.19
N ILE A 18 -0.87 9.53 -7.98
CA ILE A 18 0.20 9.79 -8.93
C ILE A 18 0.46 8.60 -9.84
N ASN A 19 0.47 7.39 -9.31
CA ASN A 19 0.80 6.21 -10.08
C ASN A 19 -0.37 5.44 -10.64
N LEU A 20 -1.59 5.92 -10.49
CA LEU A 20 -2.69 5.32 -11.22
C LEU A 20 -2.95 6.07 -12.52
N ASP A 21 -1.89 6.29 -13.27
CA ASP A 21 -1.93 6.82 -14.61
C ASP A 21 -1.51 5.75 -15.60
N PRO A 22 -1.97 5.83 -16.84
CA PRO A 22 -1.51 4.86 -17.85
C PRO A 22 -0.08 5.10 -18.31
N LEU A 23 0.52 6.24 -18.00
CA LEU A 23 1.88 6.55 -18.43
C LEU A 23 2.90 6.48 -17.31
N THR A 24 2.48 6.21 -16.08
CA THR A 24 3.36 6.21 -14.92
C THR A 24 3.48 4.80 -14.37
N GLU A 25 4.72 4.35 -14.14
CA GLU A 25 4.97 3.02 -13.62
C GLU A 25 5.28 3.06 -12.13
N THR A 26 5.31 1.87 -11.52
CA THR A 26 5.54 1.75 -10.09
C THR A 26 6.81 0.99 -9.71
N TYR A 27 7.50 0.35 -10.66
CA TYR A 27 8.93 0.04 -10.57
C TYR A 27 9.37 -0.97 -9.50
N GLY A 28 8.49 -1.35 -8.59
CA GLY A 28 8.89 -2.24 -7.53
C GLY A 28 9.62 -1.51 -6.42
N ILE A 29 9.93 -2.25 -5.38
CA ILE A 29 10.57 -1.73 -4.18
C ILE A 29 12.10 -1.75 -4.20
N PRO A 30 12.78 -2.75 -4.77
CA PRO A 30 14.23 -2.58 -5.01
C PRO A 30 14.61 -1.38 -5.85
N PHE A 31 13.80 -0.97 -6.82
CA PHE A 31 14.09 0.22 -7.61
C PHE A 31 14.00 1.48 -6.75
N TYR A 32 12.92 1.62 -5.99
CA TYR A 32 12.74 2.80 -5.16
C TYR A 32 13.76 2.88 -4.06
N LEU A 33 14.17 1.74 -3.51
CA LEU A 33 15.13 1.81 -2.42
C LEU A 33 16.56 1.93 -2.92
N GLN A 34 16.84 1.49 -4.14
CA GLN A 34 18.10 1.83 -4.77
C GLN A 34 18.21 3.32 -5.02
N TYR A 35 17.16 3.93 -5.55
CA TYR A 35 17.21 5.37 -5.78
C TYR A 35 17.02 6.19 -4.53
N LEU A 36 16.68 5.57 -3.41
CA LEU A 36 16.72 6.27 -2.13
C LEU A 36 18.04 6.10 -1.40
N ALA A 37 18.73 4.99 -1.61
CA ALA A 37 20.01 4.79 -0.97
C ALA A 37 21.13 5.50 -1.71
N HIS A 38 21.20 5.32 -3.03
CA HIS A 38 22.32 5.86 -3.80
C HIS A 38 22.18 7.36 -4.02
N TRP A 39 21.10 7.80 -4.67
CA TRP A 39 20.88 9.20 -5.05
C TRP A 39 19.63 9.76 -4.39
N PRO A 40 19.69 10.16 -3.13
CA PRO A 40 18.54 10.81 -2.51
C PRO A 40 18.44 12.30 -2.75
N GLU A 41 19.37 12.87 -3.53
CA GLU A 41 19.24 14.27 -3.89
C GLU A 41 18.21 14.46 -4.98
N TYR A 42 18.19 13.57 -5.96
CA TYR A 42 17.29 13.65 -7.10
C TYR A 42 15.99 12.91 -6.83
N PHE A 43 15.41 13.08 -5.66
CA PHE A 43 14.19 12.35 -5.41
C PHE A 43 13.20 13.22 -4.65
N ILE A 44 12.93 14.37 -5.22
CA ILE A 44 12.03 15.37 -4.67
C ILE A 44 10.59 14.89 -4.81
N VAL A 45 9.78 15.13 -3.80
CA VAL A 45 8.34 14.97 -3.88
C VAL A 45 7.75 16.33 -3.51
N ALA A 46 6.51 16.57 -3.92
CA ALA A 46 5.83 17.82 -3.65
C ALA A 46 4.52 17.49 -2.96
N GLU A 47 4.21 18.21 -1.90
CA GLU A 47 3.03 17.89 -1.10
C GLU A 47 2.10 19.10 -0.98
N ALA A 48 0.79 18.87 -1.10
CA ALA A 48 -0.20 19.98 -1.01
C ALA A 48 -0.55 20.33 0.44
N PRO A 49 -1.25 21.46 0.69
CA PRO A 49 -1.62 21.86 2.05
C PRO A 49 -1.91 20.62 2.91
N GLY A 50 -2.95 19.86 2.56
CA GLY A 50 -3.31 18.64 3.32
C GLY A 50 -2.87 17.39 2.60
N GLY A 51 -1.64 16.94 2.83
CA GLY A 51 -1.11 15.73 2.15
C GLY A 51 -1.29 15.84 0.65
N GLU A 52 -1.97 14.86 0.04
CA GLU A 52 -2.24 14.87 -1.43
C GLU A 52 -0.95 15.09 -2.22
N LEU A 53 -0.02 14.12 -2.16
CA LEU A 53 1.22 14.22 -2.91
C LEU A 53 0.97 14.70 -4.33
N MET A 54 1.44 15.90 -4.64
CA MET A 54 1.17 16.48 -5.96
C MET A 54 1.98 15.79 -7.04
N GLY A 55 3.22 15.41 -6.74
CA GLY A 55 3.96 14.64 -7.71
C GLY A 55 5.44 14.59 -7.52
N TYR A 56 6.05 13.43 -7.74
CA TYR A 56 7.45 13.22 -7.43
C TYR A 56 8.30 13.34 -8.67
N ILE A 57 9.62 13.18 -8.49
CA ILE A 57 10.57 13.07 -9.58
C ILE A 57 11.77 12.25 -9.14
N MET A 58 11.99 11.11 -9.77
CA MET A 58 13.16 10.32 -9.45
C MET A 58 14.33 10.85 -10.25
N GLY A 59 15.45 10.17 -10.22
CA GLY A 59 16.54 10.62 -11.06
C GLY A 59 17.86 10.17 -10.51
N LYS A 60 18.85 10.11 -11.40
CA LYS A 60 20.17 9.67 -11.03
C LYS A 60 21.20 10.41 -11.87
N ALA A 61 22.46 10.25 -11.49
CA ALA A 61 23.59 10.83 -12.20
C ALA A 61 24.65 9.74 -12.31
N GLU A 62 24.59 8.96 -13.38
CA GLU A 62 25.48 7.83 -13.56
C GLU A 62 26.11 7.93 -14.95
N GLY A 63 27.42 8.16 -14.97
CA GLY A 63 28.16 8.22 -16.22
C GLY A 63 29.64 8.01 -15.98
N SER A 64 30.48 8.74 -16.72
CA SER A 64 31.92 8.66 -16.53
C SER A 64 32.52 9.99 -16.97
N VAL A 65 33.18 10.68 -16.06
CA VAL A 65 33.79 11.98 -16.35
C VAL A 65 35.05 11.70 -17.15
N ALA A 66 35.59 12.73 -17.82
CA ALA A 66 36.72 12.66 -18.75
C ALA A 66 36.45 11.72 -19.91
N ARG A 67 35.17 11.62 -20.28
CA ARG A 67 34.74 11.06 -21.55
C ARG A 67 33.57 11.93 -22.02
N GLU A 68 33.31 12.98 -21.24
CA GLU A 68 32.20 13.90 -21.40
C GLU A 68 30.86 13.16 -21.46
N GLU A 69 30.66 12.30 -20.45
CA GLU A 69 29.43 11.52 -20.35
C GLU A 69 28.89 11.49 -18.93
N TRP A 70 29.32 12.40 -18.06
CA TRP A 70 28.81 12.47 -16.70
C TRP A 70 27.49 13.20 -16.75
N HIS A 71 26.41 12.44 -16.93
CA HIS A 71 25.10 13.00 -17.19
C HIS A 71 24.14 12.71 -16.05
N GLY A 72 23.13 13.56 -15.91
CA GLY A 72 22.12 13.37 -14.91
C GLY A 72 20.79 12.94 -15.49
N HIS A 73 20.32 11.76 -15.13
CA HIS A 73 19.15 11.17 -15.74
C HIS A 73 17.87 11.73 -15.13
N VAL A 74 16.74 11.41 -15.74
CA VAL A 74 15.40 11.60 -15.17
C VAL A 74 14.68 10.28 -15.35
N THR A 75 14.56 9.50 -14.29
CA THR A 75 14.04 8.15 -14.44
C THR A 75 12.62 7.99 -13.95
N ALA A 76 11.96 9.07 -13.54
CA ALA A 76 10.52 9.16 -13.37
C ALA A 76 10.16 10.62 -13.21
N LEU A 77 8.99 10.99 -13.69
CA LEU A 77 8.43 12.30 -13.40
C LEU A 77 6.93 12.16 -13.53
N SER A 78 6.19 12.62 -12.54
CA SER A 78 4.74 12.53 -12.62
C SER A 78 4.13 13.62 -11.78
N VAL A 79 3.00 14.11 -12.22
CA VAL A 79 2.19 15.06 -11.46
C VAL A 79 0.78 14.47 -11.37
N ALA A 80 0.19 14.52 -10.19
CA ALA A 80 -1.12 13.92 -9.99
C ALA A 80 -2.16 14.69 -10.81
N PRO A 81 -3.11 13.99 -11.46
CA PRO A 81 -3.96 14.65 -12.47
C PRO A 81 -4.95 15.67 -11.93
N GLU A 82 -5.06 15.85 -10.62
CA GLU A 82 -5.81 16.99 -10.13
C GLU A 82 -4.91 18.16 -9.79
N PHE A 83 -3.60 18.05 -10.04
CA PHE A 83 -2.64 19.10 -9.74
C PHE A 83 -1.81 19.50 -10.95
N ARG A 84 -2.25 19.17 -12.16
CA ARG A 84 -1.49 19.48 -13.35
C ARG A 84 -1.75 20.91 -13.79
N ARG A 85 -0.98 21.33 -14.80
CA ARG A 85 -1.01 22.67 -15.40
C ARG A 85 -0.80 23.77 -14.37
N LEU A 86 0.01 23.50 -13.35
CA LEU A 86 0.31 24.47 -12.31
C LEU A 86 1.72 25.02 -12.41
N GLY A 87 2.56 24.47 -13.26
CA GLY A 87 3.96 24.79 -13.22
C GLY A 87 4.76 23.94 -12.28
N LEU A 88 4.20 22.81 -11.83
CA LEU A 88 4.91 21.95 -10.90
C LEU A 88 5.97 21.12 -11.60
N ALA A 89 5.66 20.64 -12.80
CA ALA A 89 6.58 19.77 -13.52
C ALA A 89 7.80 20.53 -14.01
N ALA A 90 7.61 21.79 -14.42
CA ALA A 90 8.73 22.64 -14.75
C ALA A 90 9.56 22.97 -13.52
N LYS A 91 8.94 23.08 -12.35
CA LYS A 91 9.66 23.31 -11.12
C LYS A 91 10.53 22.11 -10.74
N LEU A 92 9.99 20.90 -10.88
CA LEU A 92 10.76 19.71 -10.55
C LEU A 92 11.88 19.48 -11.56
N MET A 93 11.65 19.76 -12.84
CA MET A 93 12.75 19.65 -13.80
C MET A 93 13.80 20.72 -13.60
N GLU A 94 13.39 21.91 -13.16
CA GLU A 94 14.36 22.96 -12.83
C GLU A 94 15.22 22.57 -11.64
N LEU A 95 14.62 21.93 -10.63
CA LEU A 95 15.38 21.49 -9.48
C LEU A 95 16.32 20.35 -9.83
N LEU A 96 15.91 19.45 -10.72
CA LEU A 96 16.83 18.39 -11.12
C LEU A 96 17.95 18.92 -12.01
N GLU A 97 17.68 19.93 -12.84
CA GLU A 97 18.76 20.53 -13.61
C GLU A 97 19.72 21.29 -12.70
N GLU A 98 19.22 21.93 -11.65
CA GLU A 98 20.11 22.63 -10.71
C GLU A 98 20.97 21.66 -9.93
N ILE A 99 20.40 20.56 -9.46
CA ILE A 99 21.19 19.57 -8.73
C ILE A 99 22.21 18.91 -9.64
N SER A 100 21.80 18.52 -10.86
CA SER A 100 22.75 17.87 -11.75
C SER A 100 23.69 18.85 -12.43
N GLU A 101 23.50 20.15 -12.26
CA GLU A 101 24.49 21.16 -12.63
C GLU A 101 25.49 21.40 -11.51
N ARG A 102 25.04 21.32 -10.26
CA ARG A 102 25.89 21.48 -9.09
C ARG A 102 27.01 20.43 -9.02
N LYS A 103 26.68 19.15 -9.15
CA LYS A 103 27.70 18.13 -9.08
C LYS A 103 28.36 17.91 -10.44
N GLY A 104 29.04 18.95 -10.94
CA GLY A 104 29.67 18.86 -12.27
C GLY A 104 28.71 19.30 -13.36
N GLY A 105 28.05 18.36 -14.04
CA GLY A 105 27.08 18.71 -15.09
C GLY A 105 27.13 17.79 -16.30
N PHE A 106 27.37 18.38 -17.48
CA PHE A 106 27.45 17.69 -18.80
C PHE A 106 26.11 17.04 -19.19
N PHE A 107 25.18 17.87 -19.67
CA PHE A 107 23.84 17.47 -20.19
C PHE A 107 23.03 16.86 -19.03
N VAL A 108 21.82 16.43 -19.40
CA VAL A 108 20.75 15.88 -18.50
C VAL A 108 20.16 15.06 -19.65
N ASP A 109 19.83 13.81 -19.37
CA ASP A 109 19.23 12.90 -20.39
C ASP A 109 17.73 12.76 -20.08
N LEU A 110 17.08 11.77 -20.69
CA LEU A 110 15.66 11.54 -20.46
C LEU A 110 15.16 10.47 -21.42
N PHE A 111 14.18 9.70 -20.99
CA PHE A 111 13.56 8.68 -21.84
C PHE A 111 12.05 8.87 -21.84
N VAL A 112 11.49 9.27 -22.98
CA VAL A 112 10.06 9.49 -23.09
C VAL A 112 9.54 8.68 -24.28
N ARG A 113 8.43 7.99 -24.08
CA ARG A 113 7.88 7.16 -25.15
C ARG A 113 7.26 8.04 -26.23
N VAL A 114 7.28 7.57 -27.47
CA VAL A 114 6.65 8.32 -28.56
C VAL A 114 5.21 7.85 -28.66
N SER A 115 4.41 8.29 -27.70
CA SER A 115 2.97 8.20 -27.86
C SER A 115 2.34 9.50 -27.41
N ASN A 116 2.88 10.07 -26.33
CA ASN A 116 2.31 11.25 -25.72
C ASN A 116 2.99 12.48 -26.30
N GLN A 117 2.21 13.30 -26.98
CA GLN A 117 2.72 14.59 -27.41
C GLN A 117 2.72 15.61 -26.28
N VAL A 118 2.09 15.28 -25.15
CA VAL A 118 2.08 16.17 -24.00
C VAL A 118 3.47 16.28 -23.40
N ALA A 119 4.06 15.13 -23.06
CA ALA A 119 5.38 15.12 -22.43
C ALA A 119 6.47 15.56 -23.41
N VAL A 120 6.38 15.11 -24.67
CA VAL A 120 7.40 15.46 -25.65
C VAL A 120 7.31 16.95 -26.01
N ASN A 121 6.10 17.47 -26.20
CA ASN A 121 5.96 18.90 -26.44
C ASN A 121 6.12 19.75 -25.19
N MET A 122 6.25 19.14 -24.02
CA MET A 122 6.71 19.86 -22.84
C MET A 122 8.24 19.92 -22.79
N TYR A 123 8.91 18.81 -23.10
CA TYR A 123 10.37 18.80 -23.09
C TYR A 123 10.97 19.57 -24.25
N LYS A 124 10.26 19.70 -25.38
CA LYS A 124 10.74 20.58 -26.42
C LYS A 124 10.70 22.04 -25.97
N GLN A 125 9.75 22.39 -25.11
CA GLN A 125 9.58 23.76 -24.68
C GLN A 125 10.48 24.11 -23.50
N LEU A 126 10.82 23.12 -22.66
CA LEU A 126 11.78 23.38 -21.59
C LEU A 126 13.18 23.61 -22.15
N GLY A 127 13.52 22.92 -23.23
CA GLY A 127 14.78 23.14 -23.89
C GLY A 127 15.45 21.88 -24.36
N TYR A 128 14.81 20.74 -24.12
CA TYR A 128 15.44 19.46 -24.40
C TYR A 128 15.41 19.18 -25.90
N SER A 129 16.57 18.92 -26.47
CA SER A 129 16.64 18.51 -27.85
C SER A 129 16.40 17.01 -27.93
N VAL A 130 16.53 16.42 -29.11
CA VAL A 130 16.32 15.00 -29.28
C VAL A 130 17.65 14.35 -29.66
N TYR A 131 17.90 13.20 -29.09
CA TYR A 131 19.01 12.32 -29.42
C TYR A 131 18.34 11.08 -29.99
N ARG A 132 19.09 9.97 -30.03
CA ARG A 132 18.66 8.75 -30.70
C ARG A 132 17.30 8.24 -30.21
N THR A 133 16.64 7.49 -31.08
CA THR A 133 15.35 6.90 -30.79
C THR A 133 15.57 5.41 -30.54
N VAL A 134 15.47 5.02 -29.27
CA VAL A 134 15.66 3.62 -28.91
C VAL A 134 14.45 2.84 -29.38
N ILE A 135 14.69 1.79 -30.15
CA ILE A 135 13.62 1.00 -30.75
C ILE A 135 13.24 -0.12 -29.80
N GLU A 136 11.92 -0.26 -29.57
CA GLU A 136 11.30 -1.29 -28.75
C GLU A 136 11.87 -1.29 -27.33
N TYR A 137 11.81 -0.11 -26.70
CA TYR A 137 12.38 0.07 -25.37
C TYR A 137 11.38 -0.31 -24.29
N TYR A 138 10.25 0.40 -24.23
CA TYR A 138 9.21 0.12 -23.25
C TYR A 138 8.54 -1.19 -23.61
N SER A 139 8.74 -2.23 -22.79
CA SER A 139 8.46 -3.58 -23.27
C SER A 139 6.96 -3.90 -23.24
N ALA A 140 6.37 -3.97 -22.05
CA ALA A 140 4.97 -4.39 -21.93
C ALA A 140 4.46 -3.92 -20.59
N SER A 141 3.27 -4.40 -20.22
CA SER A 141 2.60 -4.14 -18.94
C SER A 141 2.43 -2.65 -18.64
N GLY A 143 1.36 -8.39 -23.94
CA GLY A 143 0.40 -8.39 -25.03
C GLY A 143 0.33 -7.07 -25.75
N GLU A 144 0.51 -5.99 -25.02
CA GLU A 144 0.57 -4.66 -25.61
C GLU A 144 1.85 -4.52 -26.42
N PRO A 145 1.84 -3.70 -27.48
CA PRO A 145 3.05 -3.54 -28.29
C PRO A 145 4.13 -2.77 -27.56
N ASP A 146 5.36 -2.94 -28.03
CA ASP A 146 6.50 -2.24 -27.46
C ASP A 146 6.59 -0.86 -28.09
N GLU A 147 6.86 0.16 -27.28
CA GLU A 147 6.85 1.53 -27.75
C GLU A 147 8.24 2.12 -27.73
N ASP A 148 8.61 2.83 -28.80
CA ASP A 148 9.94 3.38 -28.93
C ASP A 148 10.12 4.55 -27.98
N ALA A 149 11.37 4.95 -27.77
CA ALA A 149 11.66 6.00 -26.81
C ALA A 149 12.60 7.04 -27.38
N TYR A 150 12.21 8.29 -27.28
CA TYR A 150 13.05 9.42 -27.64
C TYR A 150 14.04 9.64 -26.50
N ASP A 151 15.29 9.25 -26.68
CA ASP A 151 16.32 9.69 -25.77
C ASP A 151 16.50 11.19 -25.94
N MET A 152 16.19 11.97 -24.91
CA MET A 152 16.31 13.41 -24.99
C MET A 152 17.47 13.91 -24.13
N ARG A 153 18.21 14.86 -24.67
CA ARG A 153 19.41 15.38 -24.00
C ARG A 153 19.36 16.89 -24.01
N LYS A 154 19.53 17.51 -22.85
CA LYS A 154 19.66 18.96 -22.76
C LYS A 154 21.03 19.29 -22.22
N ALA A 155 21.85 19.94 -23.05
CA ALA A 155 23.19 20.32 -22.62
C ALA A 155 23.12 21.54 -21.73
N LEU A 156 23.82 21.48 -20.60
CA LEU A 156 23.78 22.57 -19.62
C LEU A 156 25.15 22.71 -18.98
N SER A 157 25.75 23.90 -19.14
CA SER A 157 26.83 24.43 -18.30
C SER A 157 28.02 23.48 -18.18
N ARG A 158 28.67 23.24 -19.32
CA ARG A 158 29.65 22.18 -19.51
C ARG A 158 30.79 22.21 -18.51
N ASP A 159 30.93 21.14 -17.73
CA ASP A 159 31.89 21.08 -16.65
C ASP A 159 32.19 19.62 -16.35
N THR A 160 33.45 19.34 -16.05
CA THR A 160 33.88 17.99 -15.71
C THR A 160 33.35 17.60 -14.33
N UNK B 1 41.56 -22.42 -18.83
CA UNK B 1 40.28 -21.82 -19.18
C UNK B 1 39.12 -22.71 -18.76
N UNK B 2 39.37 -23.56 -17.75
CA UNK B 2 38.34 -24.46 -17.26
C UNK B 2 37.30 -23.77 -16.40
N UNK B 3 37.59 -22.57 -15.90
CA UNK B 3 36.67 -21.87 -15.03
C UNK B 3 35.80 -20.85 -15.77
N UNK B 4 36.22 -20.43 -16.96
CA UNK B 4 35.44 -19.45 -17.71
C UNK B 4 34.52 -20.11 -18.72
N UNK B 5 34.99 -21.20 -19.35
CA UNK B 5 34.18 -21.88 -20.35
C UNK B 5 33.04 -22.67 -19.69
N UNK B 6 33.34 -23.38 -18.60
CA UNK B 6 32.35 -24.24 -17.96
C UNK B 6 31.31 -23.45 -17.19
N UNK B 7 31.61 -22.22 -16.78
CA UNK B 7 30.68 -21.44 -15.99
C UNK B 7 29.76 -20.57 -16.83
N UNK B 8 30.30 -19.99 -17.92
CA UNK B 8 29.49 -19.14 -18.79
C UNK B 8 28.46 -19.96 -19.56
N UNK B 9 28.75 -21.23 -19.83
CA UNK B 9 27.76 -22.14 -20.36
C UNK B 9 26.81 -22.66 -19.30
N UNK B 10 27.14 -22.47 -18.02
CA UNK B 10 26.30 -22.90 -16.91
C UNK B 10 25.38 -21.80 -16.43
N UNK B 11 25.21 -20.74 -17.21
CA UNK B 11 24.30 -19.65 -16.88
C UNK B 11 23.53 -19.19 -18.12
N UNK B 12 23.03 -20.13 -18.92
CA UNK B 12 22.44 -19.74 -20.21
C UNK B 12 21.00 -19.25 -20.03
N UNK B 13 20.05 -20.17 -19.81
CA UNK B 13 18.78 -19.70 -19.26
C UNK B 13 18.32 -20.46 -18.03
N UNK B 14 17.91 -21.72 -18.21
CA UNK B 14 17.50 -22.58 -17.11
C UNK B 14 18.13 -23.95 -17.16
N UNK B 15 18.02 -24.61 -18.31
CA UNK B 15 18.38 -26.01 -18.47
C UNK B 15 19.66 -26.24 -19.25
N UNK B 16 19.96 -25.39 -20.24
CA UNK B 16 21.30 -25.37 -20.82
C UNK B 16 22.31 -24.89 -19.79
N UNK B 17 21.86 -24.06 -18.85
CA UNK B 17 22.64 -23.78 -17.65
C UNK B 17 22.76 -25.00 -16.75
N UNK B 18 21.78 -25.91 -16.80
CA UNK B 18 21.74 -27.06 -15.91
C UNK B 18 22.34 -28.32 -16.53
N UNK B 19 22.05 -28.58 -17.81
CA UNK B 19 22.53 -29.81 -18.44
C UNK B 19 24.02 -29.74 -18.74
N UNK B 20 24.52 -28.58 -19.17
CA UNK B 20 25.94 -28.41 -19.38
C UNK B 20 26.71 -28.39 -18.07
N UNK B 21 26.05 -28.05 -16.96
CA UNK B 21 26.70 -28.14 -15.65
C UNK B 21 26.61 -29.56 -15.11
N UNK B 22 25.51 -30.28 -15.39
CA UNK B 22 25.40 -31.66 -14.96
C UNK B 22 26.33 -32.57 -15.76
N UNK B 23 26.63 -32.20 -17.00
CA UNK B 23 27.65 -32.91 -17.77
C UNK B 23 29.06 -32.55 -17.34
N UNK B 24 29.22 -31.49 -16.54
CA UNK B 24 30.53 -31.02 -16.10
C UNK B 24 30.96 -31.65 -14.79
N UNK B 25 30.31 -32.74 -14.39
CA UNK B 25 30.68 -33.48 -13.18
C UNK B 25 31.58 -34.66 -13.46
N UNK B 26 31.24 -35.49 -14.45
CA UNK B 26 32.10 -36.57 -14.90
C UNK B 26 33.13 -36.12 -15.92
N UNK B 27 33.14 -34.84 -16.28
CA UNK B 27 34.13 -34.30 -17.21
C UNK B 27 35.41 -33.85 -16.52
N UNK B 28 35.31 -33.40 -15.28
CA UNK B 28 36.48 -32.94 -14.53
C UNK B 28 36.46 -33.50 -13.11
N HIS B 29 36.39 -27.26 -9.42
CA HIS B 29 36.78 -28.47 -8.71
C HIS B 29 36.06 -28.58 -7.36
N CYS B 30 36.14 -27.51 -6.58
CA CYS B 30 35.45 -27.48 -5.29
C CYS B 30 33.98 -27.10 -5.43
N ALA B 31 33.58 -26.56 -6.57
CA ALA B 31 32.24 -26.03 -6.74
C ALA B 31 31.47 -26.59 -7.93
N LYS B 32 31.95 -27.69 -8.53
CA LYS B 32 31.23 -28.27 -9.67
C LYS B 32 29.88 -28.83 -9.25
N VAL B 33 29.80 -29.39 -8.04
CA VAL B 33 28.52 -29.87 -7.51
C VAL B 33 27.57 -28.70 -7.28
N LEU B 34 28.10 -27.56 -6.80
CA LEU B 34 27.24 -26.41 -6.55
C LEU B 34 26.75 -25.78 -7.85
N LYS B 35 27.61 -25.70 -8.88
CA LYS B 35 27.15 -25.17 -10.15
C LYS B 35 26.20 -26.15 -10.86
N ALA B 36 26.33 -27.45 -10.59
CA ALA B 36 25.39 -28.41 -11.14
C ALA B 36 24.06 -28.42 -10.40
N ILE B 37 24.06 -28.05 -9.12
CA ILE B 37 22.85 -28.12 -8.30
C ILE B 37 22.05 -26.81 -8.29
N GLY B 38 22.71 -25.66 -8.44
CA GLY B 38 22.04 -24.38 -8.30
C GLY B 38 20.96 -24.06 -9.31
N LEU B 39 20.87 -24.85 -10.39
CA LEU B 39 19.86 -24.65 -11.42
C LEU B 39 18.78 -25.73 -11.39
N GLN B 40 18.66 -26.46 -10.26
CA GLN B 40 17.53 -27.37 -10.07
C GLN B 40 16.83 -27.13 -8.73
N ARG B 41 16.84 -25.89 -8.23
CA ARG B 41 16.07 -25.51 -7.05
C ARG B 41 14.72 -24.92 -7.42
N THR B 42 14.09 -25.46 -8.47
CA THR B 42 12.82 -24.93 -8.95
C THR B 42 11.67 -25.36 -8.03
N GLY B 43 11.46 -26.66 -7.88
CA GLY B 43 10.41 -27.14 -7.00
C GLY B 43 10.89 -28.10 -5.93
N LYS B 44 11.97 -28.82 -6.23
CA LYS B 44 12.50 -29.85 -5.32
C LYS B 44 13.58 -29.23 -4.45
N GLN B 45 13.37 -29.26 -3.13
CA GLN B 45 14.30 -28.63 -2.21
C GLN B 45 15.36 -29.61 -1.72
N GLU B 46 14.98 -30.87 -1.50
CA GLU B 46 15.89 -31.83 -0.87
C GLU B 46 16.99 -32.28 -1.83
N GLU B 47 16.66 -32.43 -3.11
CA GLU B 47 17.66 -32.81 -4.10
C GLU B 47 18.68 -31.70 -4.32
N ALA B 48 18.30 -30.45 -4.05
CA ALA B 48 19.27 -29.37 -4.02
C ALA B 48 20.05 -29.35 -2.71
N PHE B 49 19.37 -29.57 -1.58
CA PHE B 49 20.01 -29.40 -0.29
C PHE B 49 20.99 -30.51 0.03
N THR B 50 20.80 -31.70 -0.56
CA THR B 50 21.70 -32.82 -0.33
C THR B 50 23.09 -32.61 -0.91
N LEU B 51 23.26 -31.61 -1.80
CA LEU B 51 24.59 -31.16 -2.19
C LEU B 51 24.90 -29.74 -1.76
N ALA B 52 23.87 -28.93 -1.44
CA ALA B 52 24.12 -27.60 -0.87
C ALA B 52 24.79 -27.71 0.49
N GLN B 53 24.23 -28.52 1.39
CA GLN B 53 24.87 -28.74 2.67
C GLN B 53 26.13 -29.59 2.55
N GLU B 54 26.28 -30.34 1.45
CA GLU B 54 27.50 -31.09 1.25
C GLU B 54 28.66 -30.19 0.81
N VAL B 55 28.37 -29.14 0.05
CA VAL B 55 29.42 -28.23 -0.42
C VAL B 55 29.61 -27.03 0.50
N ALA B 56 28.68 -26.78 1.41
CA ALA B 56 28.87 -25.71 2.39
C ALA B 56 29.67 -26.12 3.61
N ALA B 57 30.40 -27.23 3.55
CA ALA B 57 31.18 -27.71 4.69
C ALA B 57 32.56 -28.21 4.27
N LEU B 58 33.06 -27.76 3.12
CA LEU B 58 34.34 -28.21 2.60
C LEU B 58 35.40 -27.13 2.59
N GLU B 59 35.20 -26.03 3.35
CA GLU B 59 36.04 -24.84 3.41
C GLU B 59 36.27 -24.28 2.01
N PRO B 60 35.24 -23.65 1.39
CA PRO B 60 35.29 -23.33 -0.04
C PRO B 60 36.35 -22.32 -0.45
N THR B 61 36.40 -21.18 0.27
CA THR B 61 37.27 -19.99 0.04
C THR B 61 37.45 -19.64 -1.44
N ASP B 62 36.36 -19.67 -2.21
CA ASP B 62 36.37 -19.29 -3.61
C ASP B 62 35.23 -18.31 -3.86
N ASP B 63 35.48 -17.37 -4.78
CA ASP B 63 34.49 -16.32 -5.05
C ASP B 63 33.28 -16.86 -5.79
N ASN B 64 33.47 -17.87 -6.65
CA ASN B 64 32.36 -18.43 -7.41
C ASN B 64 31.42 -19.22 -6.50
N SER B 65 31.98 -20.10 -5.66
CA SER B 65 31.16 -20.94 -4.79
C SER B 65 30.46 -20.12 -3.72
N LEU B 66 31.16 -19.17 -3.10
CA LEU B 66 30.54 -18.32 -2.09
C LEU B 66 29.53 -17.37 -2.70
N GLN B 67 29.83 -16.83 -3.90
CA GLN B 67 28.90 -15.92 -4.56
C GLN B 67 27.66 -16.63 -5.08
N ALA B 68 27.77 -17.93 -5.39
CA ALA B 68 26.57 -18.67 -5.78
C ALA B 68 25.80 -19.14 -4.56
N LEU B 69 26.49 -19.49 -3.49
CA LEU B 69 25.81 -19.99 -2.30
C LEU B 69 25.14 -18.87 -1.53
N THR B 70 25.65 -17.64 -1.62
CA THR B 70 24.96 -16.51 -1.01
C THR B 70 23.75 -16.06 -1.81
N ILE B 71 23.55 -16.60 -3.01
CA ILE B 71 22.30 -16.45 -3.73
C ILE B 71 21.36 -17.61 -3.42
N LEU B 72 21.92 -18.81 -3.35
CA LEU B 72 21.10 -20.01 -3.11
C LEU B 72 20.51 -20.00 -1.70
N TYR B 73 21.25 -19.48 -0.72
CA TYR B 73 20.71 -19.39 0.62
C TYR B 73 19.79 -18.19 0.78
N ARG B 74 20.01 -17.13 0.01
CA ARG B 74 19.16 -15.95 0.16
C ARG B 74 17.81 -16.16 -0.53
N GLU B 75 17.77 -16.97 -1.59
CA GLU B 75 16.53 -17.17 -2.33
C GLU B 75 15.56 -18.10 -1.63
N MET B 76 16.04 -18.90 -0.67
CA MET B 76 15.18 -19.84 0.04
C MET B 76 14.72 -19.30 1.39
N HIS B 77 14.87 -17.98 1.59
CA HIS B 77 14.53 -17.28 2.84
C HIS B 77 15.22 -17.91 4.04
N ARG B 78 16.51 -18.22 3.87
CA ARG B 78 17.35 -18.73 4.96
C ARG B 78 18.70 -18.03 4.89
N PRO B 79 18.79 -16.80 5.43
CA PRO B 79 20.07 -16.09 5.42
C PRO B 79 20.99 -16.47 6.57
N GLU B 80 20.49 -17.21 7.57
CA GLU B 80 21.31 -17.60 8.72
C GLU B 80 22.42 -18.55 8.34
N LEU B 81 22.28 -19.25 7.22
CA LEU B 81 23.35 -20.12 6.75
C LEU B 81 24.37 -19.37 5.90
N VAL B 82 24.15 -18.09 5.61
CA VAL B 82 25.15 -17.32 4.86
C VAL B 82 26.32 -16.93 5.76
N THR B 83 26.02 -16.51 7.00
CA THR B 83 27.05 -16.02 7.91
C THR B 83 28.06 -17.08 8.29
N LYS B 84 27.66 -18.36 8.29
CA LYS B 84 28.54 -19.48 8.58
C LYS B 84 29.45 -19.83 7.40
N LEU B 85 29.38 -19.11 6.29
CA LEU B 85 30.29 -19.35 5.18
C LEU B 85 31.58 -18.55 5.33
N TYR B 86 31.45 -17.22 5.40
CA TYR B 86 32.61 -16.36 5.26
C TYR B 86 33.50 -16.38 6.50
N GLU B 87 32.93 -16.60 7.69
CA GLU B 87 33.78 -16.80 8.86
C GLU B 87 34.52 -18.12 8.76
N ALA B 88 33.93 -19.10 8.08
CA ALA B 88 34.67 -20.30 7.70
C ALA B 88 35.78 -20.00 6.71
N ALA B 89 35.66 -18.91 5.96
CA ALA B 89 36.74 -18.38 5.15
C ALA B 89 37.59 -17.36 5.89
N VAL B 90 37.26 -17.03 7.14
CA VAL B 90 38.07 -16.14 7.94
C VAL B 90 38.95 -16.91 8.92
N LYS B 91 38.40 -17.93 9.58
CA LYS B 91 39.16 -18.74 10.52
C LYS B 91 40.24 -19.58 9.85
N LYS B 92 40.16 -19.77 8.54
CA LYS B 92 41.24 -20.41 7.80
C LYS B 92 42.26 -19.41 7.30
N VAL B 93 41.82 -18.31 6.70
CA VAL B 93 42.71 -17.27 6.21
C VAL B 93 42.21 -15.89 6.65
N PRO B 94 43.05 -15.08 7.31
CA PRO B 94 42.68 -13.70 7.63
C PRO B 94 42.91 -12.75 6.45
N ASN B 95 41.93 -12.74 5.54
CA ASN B 95 42.03 -11.93 4.33
C ASN B 95 41.90 -10.45 4.69
N SER B 96 42.52 -9.62 3.85
CA SER B 96 42.55 -8.18 4.04
C SER B 96 41.16 -7.56 3.98
N GLU B 97 40.51 -7.61 2.83
CA GLU B 97 39.30 -6.82 2.71
C GLU B 97 38.08 -7.62 2.28
N GLU B 98 38.25 -8.60 1.40
CA GLU B 98 37.11 -9.18 0.68
C GLU B 98 36.26 -10.05 1.60
N TYR B 99 36.87 -11.02 2.26
CA TYR B 99 36.09 -11.94 3.08
C TYR B 99 35.58 -11.27 4.35
N HIS B 100 36.33 -10.34 4.91
CA HIS B 100 35.85 -9.62 6.08
C HIS B 100 34.69 -8.69 5.73
N SER B 101 34.77 -8.03 4.57
CA SER B 101 33.66 -7.18 4.14
C SER B 101 32.42 -8.00 3.80
N HIS B 102 32.60 -9.15 3.16
CA HIS B 102 31.46 -10.02 2.88
C HIS B 102 30.89 -10.63 4.16
N LEU B 103 31.73 -10.83 5.17
CA LEU B 103 31.26 -11.36 6.44
C LEU B 103 30.42 -10.31 7.15
N PHE B 104 30.85 -9.05 7.05
CA PHE B 104 30.07 -7.94 7.59
C PHE B 104 28.74 -7.80 6.86
N MET B 105 28.75 -7.97 5.54
CA MET B 105 27.52 -7.88 4.79
C MET B 105 26.58 -9.04 5.10
N ALA B 106 27.15 -10.22 5.37
CA ALA B 106 26.32 -11.37 5.73
C ALA B 106 25.71 -11.19 7.12
N TYR B 107 26.46 -10.57 8.03
CA TYR B 107 25.92 -10.26 9.35
C TYR B 107 24.80 -9.23 9.26
N ALA B 108 24.96 -8.21 8.42
CA ALA B 108 23.91 -7.23 8.22
C ALA B 108 22.73 -7.81 7.46
N ARG B 109 22.94 -8.86 6.66
CA ARG B 109 21.84 -9.58 6.03
C ARG B 109 21.01 -10.32 7.05
N VAL B 110 21.66 -11.17 7.85
CA VAL B 110 20.94 -12.02 8.80
C VAL B 110 20.34 -11.21 9.94
N GLY B 111 20.93 -10.06 10.25
CA GLY B 111 20.39 -9.18 11.27
C GLY B 111 21.14 -9.16 12.57
N GLU B 112 22.31 -9.80 12.64
CA GLU B 112 23.08 -9.84 13.87
C GLU B 112 23.77 -8.51 14.11
N TYR B 113 23.07 -7.57 14.75
CA TYR B 113 23.60 -6.23 14.92
C TYR B 113 24.69 -6.19 15.98
N LYS B 114 24.56 -7.00 17.03
CA LYS B 114 25.57 -7.04 18.08
C LYS B 114 26.82 -7.82 17.67
N LYS B 115 26.78 -8.53 16.56
CA LYS B 115 27.95 -9.22 16.04
C LYS B 115 28.57 -8.53 14.84
N MET B 116 27.87 -7.56 14.24
CA MET B 116 28.44 -6.85 13.10
C MET B 116 29.48 -5.84 13.55
N GLN B 117 29.38 -5.34 14.77
CA GLN B 117 30.28 -4.31 15.27
C GLN B 117 31.70 -4.84 15.43
N GLN B 118 31.83 -6.07 15.93
CA GLN B 118 33.16 -6.67 16.10
C GLN B 118 33.82 -6.93 14.75
N ALA B 119 33.04 -7.36 13.76
CA ALA B 119 33.58 -7.60 12.43
C ALA B 119 33.97 -6.28 11.76
N GLY B 120 33.18 -5.24 11.96
CA GLY B 120 33.51 -3.93 11.39
C GLY B 120 34.76 -3.34 12.01
N MET B 121 34.92 -3.48 13.33
CA MET B 121 36.13 -2.98 13.97
C MET B 121 37.35 -3.81 13.61
N ALA B 122 37.19 -5.13 13.44
CA ALA B 122 38.32 -5.95 13.01
C ALA B 122 38.75 -5.60 11.59
N LEU B 123 37.78 -5.34 10.72
CA LEU B 123 38.10 -4.94 9.34
C LEU B 123 38.70 -3.54 9.30
N TYR B 124 38.33 -2.68 10.24
CA TYR B 124 39.02 -1.40 10.36
C TYR B 124 40.45 -1.59 10.85
N LYS B 125 40.68 -2.57 11.73
CA LYS B 125 42.03 -2.84 12.21
C LYS B 125 42.92 -3.39 11.11
N ILE B 126 42.35 -4.13 10.16
CA ILE B 126 43.17 -4.73 9.12
C ILE B 126 43.56 -3.70 8.06
N VAL B 127 42.58 -3.18 7.33
CA VAL B 127 42.86 -2.13 6.34
C VAL B 127 42.05 -0.88 6.67
N PRO B 128 42.63 0.10 7.33
CA PRO B 128 41.87 1.29 7.74
C PRO B 128 41.81 2.40 6.69
N LYS B 129 41.10 2.22 5.59
CA LYS B 129 40.95 3.48 4.81
C LYS B 129 39.67 3.70 5.61
N ASN B 130 38.95 4.79 5.36
CA ASN B 130 38.02 5.22 6.41
C ASN B 130 36.53 5.13 6.03
N PRO B 131 35.97 4.04 5.50
CA PRO B 131 34.54 3.83 5.78
C PRO B 131 34.29 2.69 6.75
N TYR B 132 35.30 1.86 7.01
CA TYR B 132 35.07 0.68 7.84
C TYR B 132 34.99 1.03 9.31
N TYR B 133 35.50 2.19 9.68
CA TYR B 133 35.33 2.66 11.03
C TYR B 133 33.91 3.06 11.34
N PHE B 134 33.18 3.59 10.35
CA PHE B 134 31.84 4.08 10.58
C PHE B 134 30.76 3.04 10.31
N TRP B 135 31.10 1.92 9.67
CA TRP B 135 30.17 0.80 9.61
C TRP B 135 29.95 0.19 10.98
N SER B 136 30.99 0.09 11.80
CA SER B 136 30.83 -0.39 13.16
C SER B 136 30.03 0.58 14.01
N VAL B 137 30.21 1.89 13.80
CA VAL B 137 29.38 2.87 14.51
C VAL B 137 27.94 2.83 14.04
N MET B 138 27.68 2.55 12.77
CA MET B 138 26.30 2.38 12.34
C MET B 138 25.67 1.12 12.91
N SER B 139 26.44 0.04 13.03
CA SER B 139 25.91 -1.14 13.69
C SER B 139 25.70 -0.93 15.17
N LEU B 140 26.47 -0.03 15.77
CA LEU B 140 26.29 0.38 17.16
C LEU B 140 25.04 1.21 17.39
N ILE B 141 24.36 1.66 16.33
CA ILE B 141 23.01 2.17 16.45
C ILE B 141 21.97 1.15 15.97
N MET B 142 22.37 0.22 15.09
CA MET B 142 21.51 -0.90 14.72
C MET B 142 21.15 -1.74 15.94
N GLN B 143 22.10 -1.94 16.86
CA GLN B 143 21.79 -2.56 18.13
C GLN B 143 21.37 -1.55 19.19
N SER B 144 20.83 -0.41 18.78
CA SER B 144 20.13 0.48 19.70
C SER B 144 18.75 0.89 19.21
N ILE B 145 18.40 0.61 17.95
CA ILE B 145 17.01 0.78 17.55
C ILE B 145 16.19 -0.46 17.85
N SER B 146 16.84 -1.62 17.96
CA SER B 146 16.12 -2.86 18.26
C SER B 146 15.69 -2.89 19.71
N ALA B 147 16.64 -2.67 20.63
CA ALA B 147 16.39 -2.78 22.07
C ALA B 147 16.18 -1.37 22.61
N GLN B 148 14.98 -0.84 22.40
CA GLN B 148 14.67 0.53 22.75
C GLN B 148 13.96 0.57 24.10
N ASP B 149 13.73 1.77 24.63
CA ASP B 149 13.08 2.04 25.92
C ASP B 149 13.83 1.33 27.06
N GLU B 150 15.07 1.77 27.27
CA GLU B 150 15.93 1.16 28.26
C GLU B 150 17.00 2.16 28.66
N ASN B 151 17.59 1.93 29.83
CA ASN B 151 18.83 2.61 30.19
C ASN B 151 19.97 2.10 29.31
N LEU B 152 19.89 0.83 28.88
CA LEU B 152 20.89 0.24 28.01
C LEU B 152 20.47 0.42 26.55
N SER B 153 20.15 1.68 26.22
CA SER B 153 19.97 2.12 24.85
C SER B 153 20.57 3.50 24.70
N LYS B 154 20.65 4.24 25.81
CA LYS B 154 21.21 5.59 25.83
C LYS B 154 22.26 5.76 26.91
N THR B 155 22.67 4.67 27.58
CA THR B 155 23.79 4.76 28.51
C THR B 155 24.87 3.75 28.16
N MET B 156 24.59 2.86 27.20
CA MET B 156 25.56 1.84 26.83
C MET B 156 25.85 1.76 25.34
N PHE B 157 24.87 2.02 24.47
CA PHE B 157 25.04 1.87 23.04
C PHE B 157 25.23 3.19 22.31
N LEU B 158 24.42 4.19 22.60
CA LEU B 158 24.58 5.47 21.91
C LEU B 158 25.71 6.35 22.43
N PRO B 159 25.99 6.49 23.76
CA PRO B 159 27.17 7.27 24.13
C PRO B 159 28.48 6.59 23.78
N LEU B 160 28.51 5.26 23.69
CA LEU B 160 29.68 4.58 23.16
C LEU B 160 29.91 4.95 21.70
N ALA B 161 28.84 5.04 20.92
CA ALA B 161 28.97 5.44 19.52
C ALA B 161 29.34 6.90 19.39
N GLU B 162 28.85 7.75 20.29
CA GLU B 162 29.23 9.16 20.27
C GLU B 162 30.69 9.35 20.61
N ARG B 163 31.21 8.57 21.57
CA ARG B 163 32.62 8.62 21.88
C ARG B 163 33.46 8.03 20.76
N MET B 164 32.92 7.02 20.07
CA MET B 164 33.61 6.40 18.94
C MET B 164 33.73 7.36 17.77
N VAL B 165 32.71 8.20 17.55
CA VAL B 165 32.81 9.21 16.50
C VAL B 165 33.69 10.36 16.95
N GLU B 166 33.51 10.85 18.18
CA GLU B 166 34.28 11.97 18.70
C GLU B 166 35.75 11.66 18.91
N LYS B 167 36.16 10.39 18.86
CA LYS B 167 37.58 10.09 18.78
C LYS B 167 38.16 10.53 17.43
N MET B 168 37.34 10.60 16.38
CA MET B 168 37.81 11.04 15.08
C MET B 168 37.60 12.52 14.84
N VAL B 169 36.77 13.18 15.65
CA VAL B 169 36.55 14.62 15.46
C VAL B 169 37.71 15.40 16.05
N LYS B 170 38.34 14.87 17.12
CA LYS B 170 39.56 15.47 17.64
C LYS B 170 40.69 15.38 16.63
N GLU B 171 40.74 14.28 15.89
CA GLU B 171 41.66 14.14 14.77
C GLU B 171 41.00 14.73 13.53
N ASP B 172 41.55 14.47 12.35
CA ASP B 172 41.01 15.06 11.14
C ASP B 172 40.50 14.03 10.14
N LYS B 173 40.20 12.81 10.59
CA LYS B 173 39.73 11.78 9.67
C LYS B 173 38.20 11.76 9.65
N ILE B 174 37.65 12.89 9.20
CA ILE B 174 36.20 13.08 9.17
C ILE B 174 35.83 13.65 7.80
N GLU B 175 36.81 13.74 6.91
CA GLU B 175 36.63 14.44 5.64
C GLU B 175 35.75 13.69 4.64
N ALA B 176 34.46 13.61 4.93
CA ALA B 176 33.48 13.04 4.01
C ALA B 176 32.11 13.59 4.36
N GLU B 177 31.09 13.09 3.66
CA GLU B 177 29.74 13.61 3.71
C GLU B 177 28.78 12.80 4.57
N ALA B 178 28.87 11.48 4.53
CA ALA B 178 27.98 10.63 5.33
C ALA B 178 28.32 10.65 6.80
N GLU B 179 29.56 10.98 7.16
CA GLU B 179 29.95 10.96 8.56
C GLU B 179 29.39 12.14 9.34
N VAL B 180 29.18 13.28 8.70
CA VAL B 180 28.50 14.38 9.37
C VAL B 180 27.04 14.06 9.58
N GLU B 181 26.43 13.32 8.64
CA GLU B 181 25.06 12.86 8.81
C GLU B 181 24.96 11.86 9.96
N LEU B 182 25.95 10.97 10.07
CA LEU B 182 25.97 9.98 11.14
C LEU B 182 26.19 10.63 12.51
N TYR B 183 27.12 11.58 12.58
CA TYR B 183 27.36 12.28 13.83
C TYR B 183 26.17 13.13 14.25
N TYR B 184 25.46 13.72 13.29
CA TYR B 184 24.25 14.45 13.64
C TYR B 184 23.15 13.49 14.09
N MET B 185 23.09 12.30 13.50
CA MET B 185 22.08 11.32 13.91
C MET B 185 22.34 10.82 15.33
N ILE B 186 23.61 10.60 15.68
CA ILE B 186 23.95 10.16 17.02
C ILE B 186 23.70 11.28 18.03
N LEU B 187 24.11 12.50 17.70
CA LEU B 187 23.89 13.61 18.62
C LEU B 187 22.43 13.99 18.76
N GLU B 188 21.61 13.68 17.76
CA GLU B 188 20.17 13.87 17.88
C GLU B 188 19.50 12.77 18.69
N ARG B 189 19.93 11.52 18.51
CA ARG B 189 19.30 10.40 19.19
C ARG B 189 19.57 10.41 20.68
N LEU B 190 20.75 10.88 21.10
CA LEU B 190 21.11 10.94 22.50
C LEU B 190 20.31 11.97 23.28
N GLY B 191 19.77 12.97 22.61
CA GLY B 191 19.09 14.05 23.27
C GLY B 191 19.89 15.31 23.42
N LYS B 192 21.10 15.36 22.85
CA LYS B 192 21.92 16.56 22.89
C LYS B 192 21.68 17.40 21.64
N TYR B 193 20.52 18.06 21.62
CA TYR B 193 20.14 18.84 20.45
C TYR B 193 20.96 20.12 20.35
N GLN B 194 21.32 20.71 21.49
CA GLN B 194 22.14 21.92 21.48
C GLN B 194 23.55 21.63 20.97
N GLU B 195 24.08 20.45 21.26
CA GLU B 195 25.35 20.05 20.69
C GLU B 195 25.23 19.52 19.28
N ALA B 196 24.02 19.17 18.85
CA ALA B 196 23.82 18.68 17.48
C ALA B 196 23.63 19.81 16.50
N LEU B 197 23.06 20.92 16.95
CA LEU B 197 22.86 22.07 16.08
C LEU B 197 24.19 22.74 15.75
N ASP B 198 25.16 22.70 16.66
CA ASP B 198 26.40 23.42 16.44
C ASP B 198 27.35 22.65 15.54
N VAL B 199 27.15 21.33 15.40
CA VAL B 199 27.96 20.59 14.43
C VAL B 199 27.48 20.81 13.00
N ILE B 200 26.26 21.28 12.82
CA ILE B 200 25.78 21.71 11.51
C ILE B 200 26.14 23.15 11.26
N ARG B 201 25.91 24.01 12.25
CA ARG B 201 26.17 25.43 12.09
C ARG B 201 27.65 25.76 12.10
N GLY B 202 28.51 24.86 12.57
CA GLY B 202 29.93 25.12 12.63
C GLY B 202 30.66 24.84 11.34
N LYS B 203 31.77 24.10 11.42
CA LYS B 203 32.61 23.85 10.27
C LYS B 203 32.27 22.56 9.54
N LEU B 204 31.77 21.56 10.25
CA LEU B 204 31.45 20.29 9.60
C LEU B 204 30.17 20.33 8.79
N GLY B 205 29.37 21.40 8.91
CA GLY B 205 28.19 21.53 8.09
C GLY B 205 28.46 21.99 6.69
N GLU B 206 29.62 22.59 6.44
CA GLU B 206 29.96 23.06 5.09
C GLU B 206 30.21 21.91 4.13
N LYS B 207 30.49 20.71 4.64
CA LYS B 207 30.60 19.53 3.81
C LYS B 207 29.25 18.88 3.58
N LEU B 208 28.17 19.49 4.08
CA LEU B 208 26.82 18.94 4.04
C LEU B 208 26.02 19.49 2.86
N THR B 209 26.70 20.04 1.86
CA THR B 209 26.02 20.64 0.71
C THR B 209 25.93 19.62 -0.42
N SER B 210 25.10 18.61 -0.19
CA SER B 210 24.85 17.57 -1.19
C SER B 210 23.41 17.59 -1.68
N GLU B 211 22.44 17.63 -0.77
CA GLU B 211 21.04 17.74 -1.13
C GLU B 211 20.69 19.21 -1.35
N ILE B 212 19.40 19.51 -1.50
CA ILE B 212 18.99 20.89 -1.79
C ILE B 212 19.12 21.77 -0.56
N GLN B 213 18.45 21.41 0.53
CA GLN B 213 18.44 22.17 1.76
C GLN B 213 18.70 21.26 2.95
N SER B 214 19.73 20.43 2.84
CA SER B 214 20.09 19.49 3.90
C SER B 214 20.82 20.16 5.05
N ARG B 215 21.05 21.46 4.99
CA ARG B 215 21.61 22.22 6.09
C ARG B 215 20.53 23.02 6.80
N GLU B 216 19.70 23.72 6.06
CA GLU B 216 18.62 24.52 6.64
C GLU B 216 17.36 23.72 6.90
N ASN B 217 17.36 22.42 6.58
CA ASN B 217 16.31 21.54 7.07
C ASN B 217 16.78 20.68 8.24
N LYS B 218 18.08 20.65 8.50
CA LYS B 218 18.61 20.03 9.70
C LYS B 218 18.93 21.03 10.79
N CYS B 219 18.97 22.32 10.47
CA CYS B 219 18.94 23.33 11.51
C CYS B 219 17.54 23.60 12.02
N MET B 220 16.52 23.44 11.18
CA MET B 220 15.15 23.71 11.61
C MET B 220 14.64 22.68 12.60
N ALA B 221 15.01 21.42 12.41
CA ALA B 221 14.59 20.38 13.35
C ALA B 221 15.20 20.61 14.73
N MET B 222 16.45 21.06 14.77
CA MET B 222 17.10 21.37 16.03
C MET B 222 16.55 22.65 16.65
N TYR B 223 16.25 23.67 15.82
CA TYR B 223 15.63 24.88 16.32
C TYR B 223 14.24 24.66 16.88
N LYS B 224 13.54 23.65 16.38
CA LYS B 224 12.27 23.27 16.99
C LYS B 224 12.44 22.43 18.25
N LYS B 225 13.34 21.44 18.24
CA LYS B 225 13.47 20.55 19.38
C LYS B 225 14.19 21.22 20.55
N LEU B 226 14.90 22.32 20.31
CA LEU B 226 15.46 23.10 21.40
C LEU B 226 14.49 24.14 21.93
N SER B 227 13.30 24.23 21.34
CA SER B 227 12.31 25.27 21.63
C SER B 227 12.90 26.67 21.46
N ARG B 228 13.67 26.86 20.39
CA ARG B 228 14.33 28.12 20.09
C ARG B 228 13.56 28.78 18.95
N TRP B 229 12.58 29.60 19.31
CA TRP B 229 11.64 30.08 18.29
C TRP B 229 12.15 31.21 17.40
N PRO B 230 12.78 32.29 17.89
CA PRO B 230 13.20 33.35 16.95
C PRO B 230 14.30 32.94 15.98
N GLU B 231 15.07 31.93 16.24
CA GLU B 231 15.98 31.44 15.21
C GLU B 231 15.34 30.43 14.29
N CYS B 232 14.09 30.06 14.55
CA CYS B 232 13.29 29.26 13.64
C CYS B 232 12.42 30.11 12.72
N ASN B 233 11.88 31.20 13.27
CA ASN B 233 11.08 32.13 12.48
C ASN B 233 11.93 32.83 11.44
N ALA B 234 13.14 33.23 11.79
CA ALA B 234 13.99 33.92 10.82
C ALA B 234 14.48 32.99 9.72
N LEU B 235 14.74 31.73 10.04
CA LEU B 235 15.12 30.79 8.99
C LEU B 235 13.95 30.45 8.08
N SER B 236 12.75 30.31 8.64
CA SER B 236 11.59 30.06 7.79
C SER B 236 11.27 31.27 6.92
N ARG B 237 11.46 32.48 7.46
CA ARG B 237 11.24 33.69 6.67
C ARG B 237 12.28 33.85 5.58
N ARG B 238 13.53 33.50 5.87
CA ARG B 238 14.57 33.59 4.85
C ARG B 238 14.44 32.50 3.81
N LEU B 239 13.78 31.40 4.13
CA LEU B 239 13.49 30.40 3.12
C LEU B 239 12.18 30.67 2.38
N LEU B 240 11.30 31.49 2.94
CA LEU B 240 10.13 31.96 2.20
C LEU B 240 10.47 33.10 1.25
N LEU B 241 11.50 33.87 1.55
CA LEU B 241 11.89 34.92 0.61
C LEU B 241 12.53 34.38 -0.66
N LYS B 242 12.90 33.10 -0.68
CA LYS B 242 13.46 32.44 -1.83
C LYS B 242 12.40 31.80 -2.72
N ASN B 243 11.40 31.14 -2.13
CA ASN B 243 10.40 30.41 -2.98
C ASN B 243 9.00 31.05 -2.94
N SER B 244 8.61 31.60 -1.79
CA SER B 244 7.28 32.16 -1.56
C SER B 244 6.16 31.24 -1.98
N ASP B 245 6.41 29.94 -2.02
CA ASP B 245 5.45 28.93 -2.39
C ASP B 245 5.44 27.74 -1.47
N ASP B 246 6.53 27.46 -0.75
CA ASP B 246 6.64 26.32 0.15
C ASP B 246 5.64 26.39 1.28
N TRP B 247 4.71 25.45 1.31
CA TRP B 247 3.78 25.42 2.42
C TRP B 247 4.39 24.85 3.68
N GLN B 248 5.50 24.14 3.60
CA GLN B 248 6.12 23.64 4.82
C GLN B 248 6.80 24.72 5.61
N PHE B 249 6.98 25.91 5.05
CA PHE B 249 7.59 27.01 5.77
C PHE B 249 6.63 28.12 6.13
N TYR B 250 5.50 28.24 5.45
CA TYR B 250 4.44 29.10 5.96
C TYR B 250 3.90 28.56 7.28
N LEU B 251 3.82 27.23 7.40
CA LEU B 251 3.35 26.62 8.63
C LEU B 251 4.31 26.88 9.78
N THR B 252 5.62 26.69 9.56
CA THR B 252 6.57 26.94 10.65
C THR B 252 6.72 28.42 10.94
N TYR B 253 6.58 29.27 9.92
CA TYR B 253 6.56 30.71 10.11
C TYR B 253 5.43 31.14 11.02
N PHE B 254 4.22 30.63 10.78
CA PHE B 254 3.09 31.01 11.63
C PHE B 254 3.20 30.39 13.02
N ASP B 255 3.64 29.12 13.08
CA ASP B 255 3.78 28.43 14.37
C ASP B 255 4.80 29.10 15.27
N SER B 256 5.87 29.65 14.68
CA SER B 256 6.90 30.29 15.47
C SER B 256 6.83 31.80 15.43
N VAL B 257 5.80 32.37 14.83
CA VAL B 257 5.46 33.78 15.07
C VAL B 257 4.42 33.92 16.16
N PHE B 258 3.37 33.11 16.17
CA PHE B 258 2.39 33.24 17.23
C PHE B 258 2.92 32.76 18.58
N ARG B 259 3.90 31.87 18.59
CA ARG B 259 4.54 31.54 19.85
C ARG B 259 5.48 32.65 20.32
N LEU B 260 5.91 33.55 19.44
CA LEU B 260 6.71 34.68 19.85
C LEU B 260 5.89 35.83 20.40
N ILE B 261 4.59 35.88 20.15
CA ILE B 261 3.72 36.79 20.87
C ILE B 261 3.01 36.11 22.02
N GLU B 262 3.04 34.78 22.08
CA GLU B 262 2.72 34.06 23.30
C GLU B 262 3.81 34.19 24.35
N GLU B 263 5.08 34.14 23.94
CA GLU B 263 6.20 34.29 24.86
C GLU B 263 6.55 35.73 25.18
N ALA B 264 5.90 36.70 24.51
CA ALA B 264 6.18 38.13 24.62
C ALA B 264 7.65 38.44 24.35
N TRP B 265 8.08 38.13 23.12
CA TRP B 265 9.47 38.30 22.73
C TRP B 265 9.79 39.78 22.51
N SER B 266 11.00 40.17 22.87
CA SER B 266 11.54 41.48 22.60
C SER B 266 12.94 41.33 22.01
N PRO B 267 13.28 42.09 20.99
CA PRO B 267 14.56 41.89 20.29
C PRO B 267 15.72 42.42 21.11
N PRO B 268 16.93 41.92 20.89
CA PRO B 268 18.10 42.51 21.55
C PRO B 268 18.48 43.83 20.90
N ALA B 269 19.23 44.64 21.66
CA ALA B 269 19.69 45.93 21.15
C ALA B 269 20.86 45.78 20.19
N GLU B 270 21.64 44.70 20.31
CA GLU B 270 22.74 44.43 19.38
C GLU B 270 22.52 43.05 18.77
N GLY B 271 23.28 42.72 17.72
CA GLY B 271 22.97 41.59 16.90
C GLY B 271 22.01 42.04 15.83
N GLU B 272 21.70 41.14 14.90
CA GLU B 272 20.79 41.55 13.82
C GLU B 272 19.35 41.50 14.33
N HIS B 273 18.81 40.30 14.54
CA HIS B 273 17.75 40.06 15.51
C HIS B 273 17.90 38.75 16.25
N SER B 274 18.57 37.77 15.66
CA SER B 274 18.83 36.46 16.23
C SER B 274 19.99 35.87 15.43
N LEU B 275 20.18 34.55 15.51
CA LEU B 275 21.26 33.90 14.78
C LEU B 275 21.02 33.84 13.28
N GLU B 276 19.80 34.07 12.82
CA GLU B 276 19.52 34.11 11.38
C GLU B 276 19.05 35.48 10.89
N GLY B 277 18.55 36.34 11.77
CA GLY B 277 18.35 37.73 11.42
C GLY B 277 16.97 38.11 10.94
N GLU B 278 16.54 39.31 11.34
CA GLU B 278 15.25 39.92 10.99
C GLU B 278 14.09 39.02 11.43
N VAL B 279 13.88 38.95 12.73
CA VAL B 279 12.83 38.13 13.33
C VAL B 279 11.56 38.96 13.46
N HIS B 280 10.44 38.38 13.02
CA HIS B 280 9.13 39.00 13.12
C HIS B 280 8.46 38.62 14.43
N TYR B 281 7.51 39.45 14.87
CA TYR B 281 6.77 39.19 16.13
C TYR B 281 5.36 38.63 16.32
N SER B 282 4.34 39.42 15.98
CA SER B 282 2.96 38.97 15.68
C SER B 282 2.17 40.06 14.97
N ALA B 283 1.06 39.69 14.33
CA ALA B 283 0.16 40.62 13.61
C ALA B 283 1.27 41.41 12.90
N GLU B 284 1.24 42.72 12.95
CA GLU B 284 1.78 43.80 12.08
C GLU B 284 3.02 43.25 11.38
N LYS B 285 3.95 42.65 12.14
CA LYS B 285 5.21 42.11 11.53
C LYS B 285 4.92 40.83 10.74
N ALA B 286 3.74 40.24 10.92
CA ALA B 286 3.40 39.01 10.20
C ALA B 286 2.28 39.21 9.20
N VAL B 287 1.56 40.33 9.28
CA VAL B 287 0.56 40.66 8.28
C VAL B 287 1.21 41.37 7.10
N LYS B 288 2.15 42.27 7.37
CA LYS B 288 2.84 42.99 6.31
C LYS B 288 3.71 42.07 5.46
N PHE B 289 4.26 41.01 6.04
CA PHE B 289 5.03 40.05 5.25
C PHE B 289 4.15 39.27 4.27
N ILE B 290 2.96 38.84 4.71
CA ILE B 290 2.07 38.11 3.82
C ILE B 290 1.47 39.04 2.76
N GLU B 291 1.07 40.24 3.16
CA GLU B 291 0.58 41.22 2.20
C GLU B 291 1.67 41.79 1.30
N ASP B 292 2.94 41.54 1.61
CA ASP B 292 4.03 41.77 0.68
C ASP B 292 4.29 40.58 -0.23
N ARG B 293 4.12 39.35 0.27
CA ARG B 293 4.30 38.18 -0.58
C ARG B 293 3.23 38.10 -1.66
N ILE B 294 2.01 38.52 -1.34
CA ILE B 294 0.93 38.56 -2.33
C ILE B 294 1.26 39.56 -3.44
N THR B 295 1.74 40.74 -3.05
CA THR B 295 2.09 41.78 -4.02
C THR B 295 3.28 41.39 -4.88
N GLU B 296 4.32 40.80 -4.29
CA GLU B 296 5.47 40.34 -5.08
C GLU B 296 5.12 39.16 -5.98
N GLU B 297 4.17 38.32 -5.57
CA GLU B 297 3.69 37.27 -6.46
C GLU B 297 2.85 37.84 -7.60
N SER B 298 2.18 38.98 -7.36
CA SER B 298 1.33 39.59 -8.37
C SER B 298 2.11 40.15 -9.56
N LYS B 299 3.42 40.35 -9.43
CA LYS B 299 4.25 40.88 -10.50
C LYS B 299 5.10 39.80 -11.16
N SER B 300 4.55 38.60 -11.34
CA SER B 300 5.25 37.53 -12.01
C SER B 300 4.34 36.88 -13.04
N SER B 301 4.94 36.12 -13.95
CA SER B 301 4.19 35.40 -14.98
C SER B 301 4.01 33.92 -14.62
N ARG B 302 3.87 33.60 -13.34
CA ARG B 302 3.72 32.22 -12.91
C ARG B 302 2.44 31.93 -12.16
N HIS B 303 1.87 32.90 -11.44
CA HIS B 303 0.66 32.76 -10.63
C HIS B 303 0.80 31.66 -9.59
N LEU B 304 1.63 31.95 -8.58
CA LEU B 304 1.75 31.06 -7.45
C LEU B 304 0.48 31.08 -6.61
N ARG B 305 0.10 29.91 -6.09
CA ARG B 305 -0.99 29.79 -5.14
C ARG B 305 -0.50 29.70 -3.71
N GLY B 306 0.75 30.06 -3.47
CA GLY B 306 1.30 30.09 -2.14
C GLY B 306 0.72 31.18 -1.26
N PRO B 307 0.98 32.45 -1.59
CA PRO B 307 0.57 33.54 -0.68
C PRO B 307 -0.94 33.69 -0.55
N HIS B 308 -1.72 33.28 -1.55
CA HIS B 308 -3.17 33.39 -1.43
C HIS B 308 -3.73 32.40 -0.44
N LEU B 309 -3.05 31.26 -0.26
CA LEU B 309 -3.42 30.35 0.81
C LEU B 309 -2.80 30.75 2.14
N ALA B 310 -1.66 31.43 2.09
CA ALA B 310 -1.03 31.90 3.32
C ALA B 310 -1.88 32.97 3.99
N LYS B 311 -2.53 33.81 3.19
CA LYS B 311 -3.47 34.79 3.73
C LYS B 311 -4.60 34.13 4.51
N LEU B 312 -5.14 33.03 3.97
CA LEU B 312 -6.23 32.33 4.66
C LEU B 312 -5.74 31.56 5.88
N GLU B 313 -4.54 31.00 5.83
CA GLU B 313 -3.98 30.36 7.02
C GLU B 313 -3.72 31.36 8.12
N LEU B 314 -3.24 32.55 7.77
CA LEU B 314 -3.04 33.61 8.76
C LEU B 314 -4.36 34.09 9.33
N ILE B 315 -5.40 34.18 8.49
CA ILE B 315 -6.69 34.64 9.00
C ILE B 315 -7.42 33.54 9.77
N ARG B 316 -7.01 32.28 9.66
CA ARG B 316 -7.56 31.30 10.58
C ARG B 316 -6.79 31.28 11.90
N ARG B 317 -5.48 31.57 11.85
CA ARG B 317 -4.71 31.50 13.09
C ARG B 317 -4.86 32.74 13.93
N LEU B 318 -5.06 33.91 13.31
CA LEU B 318 -5.39 35.10 14.08
C LEU B 318 -6.77 34.97 14.71
N ARG B 319 -7.68 34.30 14.02
CA ARG B 319 -9.01 34.06 14.57
C ARG B 319 -8.97 33.03 15.70
N SER B 320 -8.00 32.11 15.65
CA SER B 320 -7.91 31.10 16.70
C SER B 320 -7.38 31.64 18.02
N GLN B 321 -6.90 32.89 18.08
CA GLN B 321 -6.45 33.50 19.32
C GLN B 321 -7.33 34.68 19.74
N GLY B 322 -7.37 35.73 18.93
CA GLY B 322 -8.25 36.86 19.19
C GLY B 322 -8.95 37.33 17.94
N CYS B 323 -10.28 37.23 17.91
CA CYS B 323 -11.05 37.50 16.70
C CYS B 323 -11.61 38.90 16.62
N ASN B 324 -11.63 39.64 17.73
CA ASN B 324 -12.26 40.96 17.74
C ASN B 324 -11.37 42.02 17.10
N ASP B 325 -10.05 41.80 17.07
CA ASP B 325 -9.10 42.75 16.52
C ASP B 325 -8.64 42.27 15.15
N GLU B 326 -9.23 42.82 14.11
CA GLU B 326 -8.88 42.51 12.73
C GLU B 326 -8.19 43.70 12.09
N TYR B 327 -7.15 43.43 11.31
CA TYR B 327 -6.38 44.56 10.79
C TYR B 327 -6.80 44.98 9.38
N LYS B 328 -6.43 44.20 8.37
CA LYS B 328 -6.78 44.56 7.00
C LYS B 328 -6.94 43.32 6.12
N LEU B 329 -7.10 42.15 6.74
CA LEU B 329 -7.02 40.93 5.95
C LEU B 329 -8.33 40.62 5.23
N GLY B 330 -9.44 41.19 5.66
CA GLY B 330 -10.69 41.05 4.95
C GLY B 330 -11.44 39.79 5.35
N ASP B 331 -12.69 39.73 4.91
CA ASP B 331 -13.55 38.60 5.20
C ASP B 331 -13.07 37.37 4.44
N PRO B 332 -13.12 36.19 5.06
CA PRO B 332 -12.67 34.98 4.34
C PRO B 332 -13.57 34.57 3.21
N GLU B 333 -14.82 35.03 3.16
CA GLU B 333 -15.66 34.76 2.00
C GLU B 333 -15.14 35.51 0.77
N GLU B 334 -14.77 36.78 0.94
CA GLU B 334 -14.24 37.53 -0.19
C GLU B 334 -12.87 37.02 -0.61
N LEU B 335 -12.06 36.53 0.34
CA LEU B 335 -10.77 35.94 -0.01
C LEU B 335 -10.94 34.62 -0.74
N MET B 336 -11.90 33.79 -0.32
CA MET B 336 -12.11 32.54 -1.03
C MET B 336 -12.76 32.77 -2.39
N PHE B 337 -13.57 33.82 -2.51
CA PHE B 337 -14.17 34.15 -3.79
C PHE B 337 -13.12 34.72 -4.75
N GLN B 338 -12.16 35.50 -4.26
CA GLN B 338 -11.10 35.98 -5.14
C GLN B 338 -10.10 34.89 -5.47
N TYR B 339 -9.87 33.94 -4.56
CA TYR B 339 -9.06 32.78 -4.88
C TYR B 339 -9.72 31.89 -5.91
N PHE B 340 -11.05 31.77 -5.87
CA PHE B 340 -11.75 31.07 -6.95
C PHE B 340 -11.71 31.86 -8.25
N LYS B 341 -11.76 33.18 -8.17
CA LYS B 341 -11.71 33.99 -9.38
C LYS B 341 -10.36 33.91 -10.07
N LYS B 342 -9.28 33.78 -9.31
CA LYS B 342 -7.97 33.61 -9.90
C LYS B 342 -7.71 32.16 -10.32
N PHE B 343 -7.71 31.24 -9.37
CA PHE B 343 -7.36 29.86 -9.66
C PHE B 343 -8.59 28.99 -9.83
N GLY B 344 -9.52 29.38 -10.69
CA GLY B 344 -10.73 28.59 -10.85
C GLY B 344 -10.59 27.52 -11.91
N ASP B 345 -9.91 27.83 -13.00
CA ASP B 345 -9.81 26.92 -14.12
C ASP B 345 -8.75 25.84 -13.93
N LYS B 346 -8.16 25.75 -12.82
CA LYS B 346 -7.22 24.69 -12.53
C LYS B 346 -7.92 23.56 -11.80
N PRO B 347 -7.44 22.31 -11.92
CA PRO B 347 -8.12 21.21 -11.24
C PRO B 347 -7.93 21.18 -9.73
N CYS B 348 -7.06 22.03 -9.18
CA CYS B 348 -6.72 22.03 -7.76
C CYS B 348 -7.38 23.16 -7.00
N CYS B 349 -8.49 23.70 -7.50
CA CYS B 349 -9.14 24.75 -6.74
C CYS B 349 -9.94 24.20 -5.59
N PHE B 350 -10.44 22.98 -5.72
CA PHE B 350 -11.18 22.38 -4.62
C PHE B 350 -10.26 21.95 -3.49
N THR B 351 -9.24 21.16 -3.80
CA THR B 351 -8.28 20.62 -2.83
C THR B 351 -7.43 21.70 -2.14
N ASP B 352 -7.54 22.98 -2.48
CA ASP B 352 -7.00 24.07 -1.70
C ASP B 352 -8.06 24.86 -0.96
N LEU B 353 -9.30 24.89 -1.46
CA LEU B 353 -10.40 25.49 -0.75
C LEU B 353 -11.08 24.53 0.20
N LYS B 354 -10.69 23.26 0.18
CA LYS B 354 -11.28 22.30 1.10
C LYS B 354 -10.80 22.54 2.52
N VAL B 355 -9.52 22.85 2.70
CA VAL B 355 -8.96 22.94 4.05
C VAL B 355 -9.38 24.25 4.72
N PHE B 356 -9.63 25.30 3.95
CA PHE B 356 -10.03 26.58 4.51
C PHE B 356 -11.53 26.81 4.43
N VAL B 357 -12.33 25.74 4.33
CA VAL B 357 -13.77 25.93 4.18
C VAL B 357 -14.46 26.06 5.53
N ASP B 358 -13.76 25.78 6.63
CA ASP B 358 -14.28 25.98 7.97
C ASP B 358 -14.39 27.45 8.32
N LEU B 359 -13.75 28.33 7.55
CA LEU B 359 -13.75 29.76 7.82
C LEU B 359 -15.07 30.42 7.48
N LEU B 360 -15.90 29.77 6.66
CA LEU B 360 -17.19 30.31 6.32
C LEU B 360 -18.10 30.28 7.55
N PRO B 361 -19.02 31.24 7.66
CA PRO B 361 -19.85 31.33 8.87
C PRO B 361 -20.96 30.30 8.99
N ALA B 362 -20.92 29.20 8.22
CA ALA B 362 -21.75 27.99 8.32
C ALA B 362 -23.22 28.21 7.97
N THR B 363 -23.66 29.45 7.75
CA THR B 363 -24.98 29.75 7.25
C THR B 363 -24.97 30.34 5.86
N GLN B 364 -23.87 30.97 5.46
CA GLN B 364 -23.73 31.56 4.14
C GLN B 364 -23.11 30.61 3.14
N CYS B 365 -23.24 29.30 3.35
CA CYS B 365 -22.79 28.33 2.37
C CYS B 365 -23.72 28.21 1.18
N THR B 366 -24.90 28.83 1.23
CA THR B 366 -25.77 28.92 0.07
C THR B 366 -25.76 30.31 -0.56
N LYS B 367 -25.13 31.29 0.08
CA LYS B 367 -24.86 32.56 -0.56
C LYS B 367 -23.49 32.60 -1.21
N PHE B 368 -22.53 31.88 -0.65
CA PHE B 368 -21.20 31.80 -1.24
C PHE B 368 -21.21 31.06 -2.56
N ILE B 369 -22.04 30.02 -2.68
CA ILE B 369 -22.15 29.29 -3.94
C ILE B 369 -22.84 30.14 -4.99
N ASN B 370 -23.90 30.86 -4.62
CA ASN B 370 -24.57 31.75 -5.55
C ASN B 370 -23.71 32.96 -5.92
N GLN B 371 -22.74 33.31 -5.07
CA GLN B 371 -21.77 34.33 -5.45
C GLN B 371 -20.73 33.77 -6.42
N LEU B 372 -20.32 32.51 -6.22
CA LEU B 372 -19.35 31.88 -7.11
C LEU B 372 -19.94 31.59 -8.49
N LEU B 373 -21.25 31.35 -8.57
CA LEU B 373 -21.86 31.06 -9.85
C LEU B 373 -21.99 32.29 -10.74
N GLY B 374 -21.89 33.48 -10.17
CA GLY B 374 -22.06 34.68 -10.96
C GLY B 374 -20.90 35.04 -11.84
N VAL B 375 -19.74 34.41 -11.70
CA VAL B 375 -18.56 34.78 -12.46
C VAL B 375 -18.18 33.75 -13.51
N VAL B 376 -18.81 32.58 -13.53
CA VAL B 376 -18.51 31.59 -14.54
C VAL B 376 -19.18 32.02 -15.84
N PRO B 377 -18.46 32.04 -16.96
CA PRO B 377 -19.08 32.41 -18.24
C PRO B 377 -19.99 31.32 -18.79
N LEU B 378 -21.21 31.25 -18.28
CA LEU B 378 -22.21 30.31 -18.75
C LEU B 378 -23.12 30.96 -19.77
N SER B 379 -23.80 30.13 -20.55
CA SER B 379 -24.67 30.59 -21.63
C SER B 379 -26.03 31.01 -21.07
N THR B 380 -26.99 31.21 -21.95
CA THR B 380 -28.33 31.61 -21.54
C THR B 380 -29.14 30.39 -21.11
N PRO B 381 -29.84 30.45 -19.98
CA PRO B 381 -30.51 29.25 -19.45
C PRO B 381 -31.70 28.78 -20.25
N THR B 382 -32.66 29.68 -20.47
CA THR B 382 -34.00 29.28 -20.89
C THR B 382 -34.15 29.18 -22.41
N GLU B 383 -33.30 28.42 -23.07
CA GLU B 383 -33.54 28.03 -24.46
C GLU B 383 -34.12 26.61 -24.48
N ASP B 384 -35.13 26.43 -23.63
CA ASP B 384 -35.73 25.12 -23.29
C ASP B 384 -34.69 24.08 -22.89
N LYS B 385 -33.63 24.55 -22.22
CA LYS B 385 -32.50 23.70 -21.87
C LYS B 385 -31.82 24.20 -20.60
N LEU B 386 -30.59 23.76 -20.39
CA LEU B 386 -29.80 24.05 -19.21
C LEU B 386 -28.77 25.13 -19.55
N ALA B 387 -28.17 25.73 -18.53
CA ALA B 387 -27.14 26.76 -18.70
C ALA B 387 -25.78 26.05 -18.78
N LEU B 388 -25.15 26.14 -19.94
CA LEU B 388 -23.99 25.33 -20.29
C LEU B 388 -22.74 26.20 -20.47
N PRO B 389 -21.56 25.67 -20.16
CA PRO B 389 -20.32 26.42 -20.42
C PRO B 389 -20.00 26.42 -21.90
N ALA B 390 -18.99 27.21 -22.27
CA ALA B 390 -18.63 27.40 -23.67
C ALA B 390 -17.16 27.14 -23.96
N ASP B 391 -16.32 27.06 -22.94
CA ASP B 391 -14.89 26.81 -23.12
C ASP B 391 -14.54 25.54 -22.36
N ILE B 392 -13.25 25.29 -22.18
CA ILE B 392 -12.77 24.41 -21.13
C ILE B 392 -12.39 25.18 -19.88
N ARG B 393 -11.99 26.44 -20.03
CA ARG B 393 -11.76 27.34 -18.90
C ARG B 393 -13.03 27.60 -18.10
N ALA B 394 -14.20 27.58 -18.73
CA ALA B 394 -15.45 27.84 -18.06
C ALA B 394 -16.22 26.58 -17.73
N LEU B 395 -15.70 25.42 -18.10
CA LEU B 395 -16.24 24.15 -17.61
C LEU B 395 -15.58 23.74 -16.31
N GLN B 396 -14.27 23.96 -16.16
CA GLN B 396 -13.63 23.64 -14.90
C GLN B 396 -14.06 24.59 -13.80
N GLN B 397 -14.35 25.84 -14.14
CA GLN B 397 -14.87 26.79 -13.16
C GLN B 397 -16.29 26.47 -12.74
N HIS B 398 -17.02 25.67 -13.50
CA HIS B 398 -18.32 25.21 -13.06
C HIS B 398 -18.25 23.88 -12.36
N LEU B 399 -17.31 23.03 -12.76
CA LEU B 399 -17.10 21.77 -12.06
C LEU B 399 -16.63 22.01 -10.64
N CYS B 400 -15.80 23.04 -10.42
CA CYS B 400 -15.40 23.39 -9.08
C CYS B 400 -16.53 24.00 -8.26
N VAL B 401 -17.51 24.64 -8.89
CA VAL B 401 -18.68 25.15 -8.19
C VAL B 401 -19.60 24.01 -7.77
N VAL B 402 -19.77 23.01 -8.62
CA VAL B 402 -20.55 21.83 -8.25
C VAL B 402 -19.86 21.05 -7.12
N GLN B 403 -18.53 20.94 -7.19
CA GLN B 403 -17.79 20.26 -6.13
C GLN B 403 -17.89 21.01 -4.79
N LEU B 404 -17.86 22.35 -4.84
CA LEU B 404 -17.97 23.11 -3.60
C LEU B 404 -19.41 23.14 -3.07
N THR B 405 -20.39 23.03 -3.96
CA THR B 405 -21.78 22.84 -3.51
C THR B 405 -21.93 21.50 -2.82
N ARG B 406 -21.21 20.49 -3.30
CA ARG B 406 -21.18 19.21 -2.62
C ARG B 406 -20.52 19.28 -1.25
N LEU B 407 -19.36 19.93 -1.16
CA LEU B 407 -18.62 19.98 0.10
C LEU B 407 -19.27 20.87 1.14
N LEU B 408 -19.94 21.95 0.73
CA LEU B 408 -20.57 22.82 1.71
C LEU B 408 -21.83 22.21 2.32
N GLY B 409 -22.30 21.08 1.82
CA GLY B 409 -23.44 20.41 2.41
C GLY B 409 -24.74 20.89 1.84
N LEU B 410 -24.87 20.85 0.52
CA LEU B 410 -26.12 21.22 -0.12
C LEU B 410 -26.71 20.12 -0.99
N TYR B 411 -25.96 19.07 -1.31
CA TYR B 411 -26.52 17.89 -1.94
C TYR B 411 -26.83 16.81 -0.93
N HIS B 412 -26.80 17.13 0.36
CA HIS B 412 -27.22 16.22 1.41
C HIS B 412 -28.38 16.77 2.21
N THR B 413 -28.98 17.88 1.78
CA THR B 413 -30.17 18.44 2.40
C THR B 413 -31.42 18.08 1.62
N MET B 414 -31.29 17.86 0.32
CA MET B 414 -32.39 17.52 -0.58
C MET B 414 -32.99 16.15 -0.24
N ASP B 415 -34.21 15.92 -0.74
CA ASP B 415 -34.96 14.70 -0.40
C ASP B 415 -35.36 13.95 -1.68
N LYS B 416 -34.38 13.27 -2.28
CA LYS B 416 -34.48 12.22 -3.29
C LYS B 416 -35.45 12.49 -4.45
N ASN B 417 -35.86 13.73 -4.68
CA ASN B 417 -36.43 14.17 -5.95
C ASN B 417 -35.59 15.29 -6.51
N GLN B 418 -35.22 16.24 -5.65
CA GLN B 418 -34.15 17.15 -6.00
C GLN B 418 -32.83 16.41 -6.12
N LYS B 419 -32.64 15.35 -5.34
CA LYS B 419 -31.42 14.57 -5.45
C LYS B 419 -31.41 13.61 -6.62
N LEU B 420 -32.52 13.47 -7.35
CA LEU B 420 -32.45 12.88 -8.68
C LEU B 420 -32.43 13.91 -9.80
N SER B 421 -33.01 15.10 -9.58
CA SER B 421 -32.86 16.17 -10.56
C SER B 421 -31.43 16.67 -10.65
N VAL B 422 -30.69 16.61 -9.54
CA VAL B 422 -29.27 16.93 -9.56
C VAL B 422 -28.50 15.95 -10.42
N VAL B 423 -28.84 14.66 -10.34
CA VAL B 423 -28.17 13.66 -11.18
C VAL B 423 -28.54 13.84 -12.64
N ARG B 424 -29.79 14.24 -12.91
CA ARG B 424 -30.19 14.54 -14.30
C ARG B 424 -29.43 15.73 -14.86
N GLU B 425 -29.25 16.79 -14.06
CA GLU B 425 -28.49 17.95 -14.49
C GLU B 425 -27.01 17.61 -14.70
N LEU B 426 -26.41 16.90 -13.75
CA LEU B 426 -25.01 16.52 -13.85
C LEU B 426 -24.77 15.39 -14.86
N MET B 427 -25.81 14.81 -15.43
CA MET B 427 -25.60 13.98 -16.60
C MET B 427 -25.77 14.72 -17.91
N LEU B 428 -26.66 15.73 -17.95
CA LEU B 428 -26.70 16.59 -19.12
C LEU B 428 -25.39 17.36 -19.29
N ARG B 429 -24.80 17.81 -18.18
CA ARG B 429 -23.54 18.53 -18.28
C ARG B 429 -22.39 17.60 -18.64
N TYR B 430 -22.44 16.34 -18.24
CA TYR B 430 -21.42 15.40 -18.67
C TYR B 430 -21.55 15.08 -20.15
N GLN B 431 -22.79 14.93 -20.63
CA GLN B 431 -23.00 14.65 -22.05
C GLN B 431 -22.63 15.85 -22.91
N HIS B 432 -22.76 17.07 -22.39
CA HIS B 432 -22.28 18.22 -23.13
C HIS B 432 -20.77 18.40 -23.04
N GLY B 433 -20.16 18.01 -21.93
CA GLY B 433 -18.73 18.16 -21.77
C GLY B 433 -17.86 17.26 -22.62
N LEU B 434 -18.45 16.43 -23.48
CA LEU B 434 -17.69 15.60 -24.41
C LEU B 434 -17.54 16.23 -25.78
N GLU B 435 -18.18 17.37 -26.03
CA GLU B 435 -17.90 18.12 -27.26
C GLU B 435 -16.49 18.69 -27.22
N PHE B 436 -16.09 19.24 -26.07
CA PHE B 436 -14.69 19.54 -25.84
C PHE B 436 -13.96 18.25 -25.53
N GLY B 437 -12.66 18.23 -25.83
CA GLY B 437 -11.88 17.05 -25.58
C GLY B 437 -12.21 15.88 -26.46
N LYS B 438 -12.66 16.13 -27.68
CA LYS B 438 -12.94 15.08 -28.64
C LYS B 438 -11.67 14.42 -29.15
N THR B 439 -10.55 15.16 -29.21
CA THR B 439 -9.29 14.66 -29.76
C THR B 439 -8.28 14.34 -28.66
N CYS B 440 -8.74 13.85 -27.53
CA CYS B 440 -7.83 13.44 -26.47
C CYS B 440 -7.16 12.12 -26.83
N LEU B 441 -5.93 11.94 -26.34
CA LEU B 441 -5.05 10.90 -26.83
C LEU B 441 -5.24 9.56 -26.13
N LYS B 442 -6.40 9.33 -25.52
CA LYS B 442 -6.89 8.12 -24.84
C LYS B 442 -6.19 7.85 -23.51
N THR B 443 -5.09 8.53 -23.19
CA THR B 443 -4.45 8.40 -21.89
C THR B 443 -4.71 9.61 -21.01
N GLU B 444 -5.70 10.42 -21.35
CA GLU B 444 -6.09 11.55 -20.53
C GLU B 444 -7.54 11.38 -20.10
N LEU B 445 -7.87 12.01 -18.98
CA LEU B 445 -9.27 12.19 -18.59
C LEU B 445 -9.90 13.15 -19.58
N GLN B 446 -11.18 12.89 -19.88
CA GLN B 446 -11.98 13.62 -20.91
C GLN B 446 -11.89 14.70 -19.82
N PHE B 447 -12.30 15.92 -20.19
CA PHE B 447 -12.38 17.18 -19.40
C PHE B 447 -13.51 17.36 -18.40
N SER B 448 -14.50 16.47 -18.46
CA SER B 448 -15.65 16.58 -17.57
C SER B 448 -16.03 15.22 -17.02
N ASP B 449 -15.04 14.41 -16.66
CA ASP B 449 -15.34 13.13 -16.07
C ASP B 449 -15.84 13.27 -14.65
N TYR B 450 -15.53 14.37 -13.99
CA TYR B 450 -15.98 14.54 -12.62
C TYR B 450 -17.39 15.08 -12.54
N TYR B 451 -18.04 15.26 -13.68
CA TYR B 451 -19.49 15.35 -13.77
C TYR B 451 -20.15 14.00 -13.73
N CYS B 452 -19.42 12.93 -14.03
CA CYS B 452 -20.00 11.61 -13.90
C CYS B 452 -19.87 11.12 -12.46
N LEU B 453 -18.72 11.35 -11.83
CA LEU B 453 -18.52 10.95 -10.44
C LEU B 453 -19.42 11.71 -9.48
N LEU B 454 -19.73 12.96 -9.77
CA LEU B 454 -20.68 13.68 -8.94
C LEU B 454 -22.13 13.27 -9.24
N ALA B 455 -22.37 12.50 -10.28
CA ALA B 455 -23.66 11.90 -10.54
C ALA B 455 -23.66 10.42 -10.24
N VAL B 456 -22.63 9.92 -9.59
CA VAL B 456 -22.60 8.59 -9.04
C VAL B 456 -22.55 8.62 -7.52
N HIS B 457 -21.79 9.56 -6.95
CA HIS B 457 -21.84 9.77 -5.51
C HIS B 457 -23.16 10.34 -5.05
N ALA B 458 -24.02 10.83 -5.95
CA ALA B 458 -25.36 11.25 -5.59
C ALA B 458 -26.42 10.22 -5.94
N LEU B 459 -26.05 9.13 -6.61
CA LEU B 459 -26.96 8.02 -6.80
C LEU B 459 -26.76 6.96 -5.72
N ILE B 460 -25.51 6.70 -5.35
CA ILE B 460 -25.26 5.80 -4.24
C ILE B 460 -25.71 6.44 -2.92
N ASP B 461 -25.72 7.76 -2.84
CA ASP B 461 -26.26 8.45 -1.68
C ASP B 461 -27.77 8.30 -1.58
N VAL B 462 -28.47 8.04 -2.67
CA VAL B 462 -29.91 7.82 -2.64
C VAL B 462 -30.16 6.35 -2.33
N TRP B 463 -29.32 5.48 -2.90
CA TRP B 463 -29.46 4.05 -2.66
C TRP B 463 -29.18 3.67 -1.21
N ARG B 464 -28.22 4.33 -0.58
CA ARG B 464 -27.88 3.99 0.79
C ARG B 464 -28.79 4.68 1.80
N GLU B 465 -29.71 5.52 1.36
CA GLU B 465 -30.61 6.20 2.27
C GLU B 465 -32.07 5.90 2.02
N THR B 466 -32.41 5.24 0.91
CA THR B 466 -33.75 4.71 0.71
C THR B 466 -33.79 3.21 0.45
N GLY B 467 -32.71 2.60 0.03
CA GLY B 467 -32.74 1.20 -0.36
C GLY B 467 -33.48 0.98 -1.67
N ASP B 468 -33.18 1.79 -2.68
CA ASP B 468 -34.02 1.86 -3.87
C ASP B 468 -33.79 0.69 -4.82
N GLU B 469 -32.51 0.40 -5.10
CA GLU B 469 -32.00 -0.65 -5.99
C GLU B 469 -32.30 -0.37 -7.47
N THR B 470 -33.05 0.67 -7.80
CA THR B 470 -33.18 1.09 -9.18
C THR B 470 -32.16 2.16 -9.53
N THR B 471 -31.37 2.63 -8.56
CA THR B 471 -30.33 3.61 -8.82
C THR B 471 -28.95 3.00 -8.88
N VAL B 472 -28.75 1.78 -8.38
CA VAL B 472 -27.45 1.15 -8.51
C VAL B 472 -27.17 0.80 -9.97
N TRP B 473 -28.20 0.36 -10.70
CA TRP B 473 -28.03 0.09 -12.12
C TRP B 473 -27.81 1.37 -12.90
N GLN B 474 -28.43 2.48 -12.47
CA GLN B 474 -28.19 3.75 -13.13
C GLN B 474 -26.77 4.24 -12.90
N ALA B 475 -26.26 4.10 -11.68
CA ALA B 475 -24.88 4.45 -11.40
C ALA B 475 -23.91 3.55 -12.14
N LEU B 476 -24.26 2.29 -12.34
CA LEU B 476 -23.37 1.39 -13.08
C LEU B 476 -23.34 1.71 -14.57
N THR B 477 -24.48 2.09 -15.16
CA THR B 477 -24.43 2.51 -16.56
C THR B 477 -23.72 3.84 -16.73
N LEU B 478 -23.81 4.73 -15.73
CA LEU B 478 -23.04 5.97 -15.79
C LEU B 478 -21.55 5.71 -15.75
N LEU B 479 -21.10 4.83 -14.85
CA LEU B 479 -19.67 4.54 -14.80
C LEU B 479 -19.21 3.75 -16.01
N GLU B 480 -20.06 2.90 -16.59
CA GLU B 480 -19.64 2.15 -17.77
C GLU B 480 -19.58 3.05 -19.00
N GLU B 481 -20.47 4.03 -19.10
CA GLU B 481 -20.39 5.01 -20.18
C GLU B 481 -19.16 5.89 -20.02
N GLY B 482 -18.92 6.38 -18.80
CA GLY B 482 -17.73 7.17 -18.54
C GLY B 482 -16.44 6.41 -18.69
N LEU B 483 -16.46 5.11 -18.54
CA LEU B 483 -15.28 4.29 -18.77
C LEU B 483 -15.13 3.88 -20.22
N THR B 484 -16.19 3.86 -21.01
CA THR B 484 -15.94 3.62 -22.43
C THR B 484 -15.58 4.90 -23.17
N HIS B 485 -15.80 6.07 -22.56
CA HIS B 485 -15.39 7.31 -23.22
C HIS B 485 -13.97 7.72 -22.89
N SER B 486 -13.56 7.60 -21.62
CA SER B 486 -12.20 7.93 -21.17
C SER B 486 -11.62 6.71 -20.48
N PRO B 487 -11.09 5.76 -21.22
CA PRO B 487 -10.81 4.45 -20.62
C PRO B 487 -9.48 4.36 -19.91
N SER B 488 -9.08 5.44 -19.25
CA SER B 488 -7.90 5.46 -18.42
C SER B 488 -8.11 6.20 -17.12
N ASN B 489 -9.32 6.68 -16.87
CA ASN B 489 -9.67 7.17 -15.55
C ASN B 489 -9.65 6.02 -14.58
N ALA B 490 -8.96 6.20 -13.46
CA ALA B 490 -8.89 5.13 -12.47
C ALA B 490 -9.93 5.27 -11.38
N GLN B 491 -10.55 6.43 -11.23
CA GLN B 491 -11.65 6.53 -10.29
C GLN B 491 -12.87 5.77 -10.75
N PHE B 492 -13.10 5.72 -12.06
CA PHE B 492 -14.19 4.92 -12.59
C PHE B 492 -13.94 3.44 -12.35
N LYS B 493 -12.69 2.99 -12.50
CA LYS B 493 -12.41 1.59 -12.28
C LYS B 493 -12.47 1.22 -10.80
N LEU B 494 -12.04 2.12 -9.92
CA LEU B 494 -12.12 1.82 -8.50
C LEU B 494 -13.57 1.84 -8.01
N LEU B 495 -14.38 2.77 -8.51
CA LEU B 495 -15.80 2.76 -8.13
C LEU B 495 -16.55 1.60 -8.77
N LEU B 496 -16.13 1.15 -9.95
CA LEU B 496 -16.77 -0.01 -10.54
C LEU B 496 -16.42 -1.28 -9.80
N VAL B 497 -15.17 -1.38 -9.32
CA VAL B 497 -14.77 -2.46 -8.42
C VAL B 497 -15.65 -2.47 -7.19
N ARG B 498 -15.88 -1.30 -6.60
CA ARG B 498 -16.64 -1.23 -5.36
C ARG B 498 -18.11 -1.55 -5.56
N ILE B 499 -18.74 -1.01 -6.61
CA ILE B 499 -20.17 -1.24 -6.79
C ILE B 499 -20.45 -2.66 -7.28
N TYR B 500 -19.61 -3.17 -8.19
CA TYR B 500 -19.76 -4.57 -8.61
C TYR B 500 -19.50 -5.54 -7.47
N CYS B 501 -18.61 -5.21 -6.53
CA CYS B 501 -18.47 -6.09 -5.38
C CYS B 501 -19.66 -5.97 -4.44
N MET B 502 -20.19 -4.76 -4.25
CA MET B 502 -21.31 -4.60 -3.35
C MET B 502 -22.63 -5.08 -3.93
N LEU B 503 -22.64 -5.49 -5.20
CA LEU B 503 -23.79 -6.19 -5.75
C LEU B 503 -23.61 -7.69 -5.76
N GLY B 504 -22.39 -8.18 -5.73
CA GLY B 504 -22.13 -9.60 -5.74
C GLY B 504 -21.37 -10.10 -6.94
N ALA B 505 -21.00 -9.23 -7.86
CA ALA B 505 -20.27 -9.67 -9.04
C ALA B 505 -18.77 -9.57 -8.80
N PHE B 506 -18.04 -10.50 -9.39
CA PHE B 506 -16.59 -10.46 -9.25
C PHE B 506 -15.81 -10.79 -10.51
N GLU B 507 -16.43 -11.31 -11.57
CA GLU B 507 -15.70 -11.39 -12.84
C GLU B 507 -15.33 -10.01 -13.40
N PRO B 508 -16.21 -9.00 -13.45
CA PRO B 508 -15.74 -7.68 -13.86
C PRO B 508 -14.75 -7.04 -12.90
N VAL B 509 -14.73 -7.45 -11.64
CA VAL B 509 -13.80 -6.83 -10.70
C VAL B 509 -12.38 -7.29 -10.95
N VAL B 510 -12.19 -8.56 -11.28
CA VAL B 510 -10.83 -8.98 -11.60
C VAL B 510 -10.43 -8.47 -12.98
N ASP B 511 -11.38 -8.34 -13.91
CA ASP B 511 -11.02 -7.75 -15.19
C ASP B 511 -10.82 -6.24 -15.14
N LEU B 512 -11.27 -5.57 -14.09
CA LEU B 512 -11.04 -4.14 -13.92
C LEU B 512 -9.86 -3.83 -13.00
N TYR B 513 -9.49 -4.76 -12.14
CA TYR B 513 -8.26 -4.60 -11.38
C TYR B 513 -7.05 -4.99 -12.21
N SER B 514 -7.20 -5.87 -13.18
CA SER B 514 -6.08 -6.07 -14.10
C SER B 514 -5.92 -4.91 -15.07
N SER B 515 -6.94 -4.08 -15.22
CA SER B 515 -6.86 -3.00 -16.20
C SER B 515 -6.06 -1.83 -15.66
N LEU B 516 -6.47 -1.27 -14.51
CA LEU B 516 -5.60 -0.34 -13.81
C LEU B 516 -4.39 -1.12 -13.35
N ASP B 517 -3.22 -0.76 -13.85
CA ASP B 517 -2.10 -1.66 -13.65
C ASP B 517 -1.54 -1.48 -12.26
N ALA B 518 -1.98 -2.34 -11.34
CA ALA B 518 -1.51 -2.31 -9.94
C ALA B 518 -0.26 -3.20 -9.82
N LYS B 519 0.93 -2.59 -9.77
CA LYS B 519 2.20 -3.36 -9.72
C LYS B 519 2.76 -3.22 -8.30
N HIS B 520 4.01 -3.62 -8.10
CA HIS B 520 4.63 -3.84 -6.77
C HIS B 520 4.44 -2.65 -5.81
N ILE B 521 3.84 -2.93 -4.67
CA ILE B 521 3.61 -1.97 -3.52
C ILE B 521 2.34 -1.18 -3.85
N GLN B 522 1.45 -1.74 -4.66
CA GLN B 522 0.07 -1.22 -4.86
C GLN B 522 -0.69 -2.43 -4.32
N HIS B 523 -0.05 -3.60 -4.41
CA HIS B 523 -0.57 -4.84 -3.85
C HIS B 523 -0.73 -4.80 -2.35
N ASP B 524 -0.20 -3.79 -1.68
CA ASP B 524 -0.47 -3.58 -0.28
C ASP B 524 -1.53 -2.52 -0.05
N THR B 525 -1.74 -1.58 -0.98
CA THR B 525 -2.62 -0.45 -0.72
C THR B 525 -3.89 -0.41 -1.57
N ILE B 526 -3.93 -1.08 -2.71
CA ILE B 526 -5.17 -1.27 -3.46
C ILE B 526 -5.61 -2.74 -3.50
N GLY B 527 -4.74 -3.69 -3.19
CA GLY B 527 -5.06 -5.10 -3.28
C GLY B 527 -6.06 -5.60 -2.25
N TYR B 528 -6.39 -4.79 -1.25
CA TYR B 528 -7.39 -5.22 -0.28
C TYR B 528 -8.77 -5.30 -0.90
N LEU B 529 -9.02 -4.50 -1.94
CA LEU B 529 -10.28 -4.54 -2.67
C LEU B 529 -10.49 -5.87 -3.38
N LEU B 530 -9.42 -6.58 -3.72
CA LEU B 530 -9.60 -7.91 -4.25
C LEU B 530 -9.59 -8.99 -3.18
N THR B 531 -8.70 -8.88 -2.20
CA THR B 531 -8.59 -9.93 -1.20
C THR B 531 -9.84 -10.03 -0.33
N ARG B 532 -10.50 -8.92 -0.04
CA ARG B 532 -11.67 -8.98 0.83
C ARG B 532 -12.86 -9.63 0.12
N TYR B 533 -13.06 -9.32 -1.15
CA TYR B 533 -14.23 -9.81 -1.87
C TYR B 533 -13.95 -11.00 -2.76
N ALA B 534 -12.74 -11.53 -2.76
CA ALA B 534 -12.40 -12.54 -3.76
C ALA B 534 -12.98 -13.90 -3.40
N GLU B 535 -12.58 -14.45 -2.26
CA GLU B 535 -13.08 -15.72 -1.80
C GLU B 535 -14.43 -15.60 -1.09
N SER B 536 -14.89 -14.37 -0.83
CA SER B 536 -16.14 -14.16 -0.14
C SER B 536 -17.35 -14.39 -1.03
N LEU B 537 -17.21 -14.16 -2.33
CA LEU B 537 -18.28 -14.34 -3.29
C LEU B 537 -18.13 -15.61 -4.10
N GLY B 538 -17.30 -16.54 -3.64
CA GLY B 538 -17.26 -17.83 -4.27
C GLY B 538 -16.36 -17.95 -5.47
N GLN B 539 -15.61 -16.90 -5.80
CA GLN B 539 -14.64 -16.97 -6.89
C GLN B 539 -13.34 -17.52 -6.30
N TYR B 540 -13.05 -18.79 -6.55
CA TYR B 540 -11.87 -19.40 -5.94
C TYR B 540 -10.64 -19.29 -6.80
N ALA B 541 -10.77 -19.30 -8.13
CA ALA B 541 -9.60 -19.14 -8.98
C ALA B 541 -9.06 -17.71 -8.92
N ALA B 542 -9.95 -16.71 -8.94
CA ALA B 542 -9.50 -15.33 -8.81
C ALA B 542 -8.95 -15.05 -7.44
N ALA B 543 -9.47 -15.71 -6.40
CA ALA B 543 -8.92 -15.56 -5.06
C ALA B 543 -7.55 -16.19 -4.96
N SER B 544 -7.35 -17.33 -5.62
CA SER B 544 -6.03 -17.96 -5.63
C SER B 544 -5.00 -17.10 -6.34
N GLN B 545 -5.39 -16.46 -7.46
CA GLN B 545 -4.45 -15.61 -8.16
C GLN B 545 -4.15 -14.33 -7.38
N SER B 546 -5.15 -13.76 -6.72
CA SER B 546 -4.91 -12.54 -5.94
C SER B 546 -4.03 -12.80 -4.73
N CYS B 547 -4.27 -13.91 -4.02
CA CYS B 547 -3.42 -14.26 -2.90
C CYS B 547 -2.01 -14.63 -3.36
N ASN B 548 -1.87 -15.25 -4.53
CA ASN B 548 -0.54 -15.58 -5.04
C ASN B 548 0.25 -14.33 -5.41
N PHE B 549 -0.41 -13.34 -6.02
CA PHE B 549 0.28 -12.11 -6.38
C PHE B 549 0.70 -11.32 -5.15
N ALA B 550 -0.20 -11.17 -4.17
CA ALA B 550 0.16 -10.42 -2.97
C ALA B 550 1.24 -11.13 -2.16
N LEU B 551 1.19 -12.46 -2.09
CA LEU B 551 2.22 -13.18 -1.36
C LEU B 551 3.57 -13.10 -2.06
N ARG B 552 3.56 -13.08 -3.40
CA ARG B 552 4.81 -12.92 -4.15
C ARG B 552 5.43 -11.57 -3.88
N PHE B 553 4.61 -10.51 -3.82
CA PHE B 553 5.13 -9.20 -3.47
C PHE B 553 5.69 -9.15 -2.06
N PHE B 554 5.00 -9.73 -1.08
CA PHE B 554 5.46 -9.55 0.29
C PHE B 554 6.70 -10.40 0.60
N HIS B 555 6.84 -11.57 -0.03
CA HIS B 555 8.05 -12.34 0.18
C HIS B 555 9.25 -11.73 -0.56
N SER B 556 9.02 -11.20 -1.77
CA SER B 556 10.07 -10.44 -2.44
C SER B 556 10.43 -9.18 -1.67
N ASN B 557 9.48 -8.61 -0.92
CA ASN B 557 9.78 -7.49 -0.04
C ASN B 557 10.78 -7.87 1.04
N GLN B 558 10.54 -9.00 1.73
CA GLN B 558 11.45 -9.46 2.79
C GLN B 558 12.89 -9.60 2.27
N LYS B 559 13.06 -10.37 1.20
CA LYS B 559 14.41 -10.60 0.68
C LYS B 559 15.04 -9.32 0.11
N ASP B 560 14.31 -8.59 -0.75
CA ASP B 560 14.90 -7.47 -1.46
C ASP B 560 15.16 -6.28 -0.55
N THR B 561 14.36 -6.06 0.48
CA THR B 561 14.69 -4.93 1.34
C THR B 561 15.79 -5.28 2.33
N SER B 562 15.99 -6.56 2.67
CA SER B 562 17.22 -6.89 3.39
C SER B 562 18.46 -6.62 2.54
N GLU B 563 18.39 -6.93 1.25
CA GLU B 563 19.50 -6.64 0.35
C GLU B 563 19.75 -5.13 0.19
N TYR B 564 18.69 -4.33 0.17
CA TYR B 564 18.91 -2.90 0.01
C TYR B 564 19.05 -2.15 1.33
N ILE B 565 19.04 -2.85 2.46
CA ILE B 565 19.65 -2.31 3.67
C ILE B 565 21.15 -2.57 3.67
N ILE B 566 21.58 -3.72 3.12
CA ILE B 566 23.00 -3.96 2.91
C ILE B 566 23.59 -2.90 1.97
N GLN B 567 22.90 -2.63 0.87
CA GLN B 567 23.43 -1.71 -0.14
C GLN B 567 23.20 -0.25 0.18
N ALA B 568 22.98 0.11 1.44
CA ALA B 568 23.01 1.50 1.86
C ALA B 568 24.10 1.76 2.88
N TYR B 569 24.95 0.78 3.16
CA TYR B 569 26.24 1.05 3.78
C TYR B 569 27.27 1.40 2.73
N LYS B 570 27.22 0.71 1.59
CA LYS B 570 28.22 0.86 0.54
C LYS B 570 28.19 2.24 -0.10
N TYR B 571 27.01 2.85 -0.20
CA TYR B 571 26.88 4.17 -0.80
C TYR B 571 26.80 5.25 0.27
N GLY B 572 27.01 4.90 1.53
CA GLY B 572 27.11 5.85 2.60
C GLY B 572 25.81 6.58 2.89
N ALA B 573 24.74 5.85 3.16
CA ALA B 573 23.48 6.51 3.44
C ALA B 573 23.43 6.99 4.89
N PHE B 574 23.44 6.05 5.84
CA PHE B 574 23.54 6.27 7.28
C PHE B 574 22.45 7.15 7.88
N GLU B 575 21.45 7.52 7.10
CA GLU B 575 20.33 8.31 7.57
C GLU B 575 19.04 7.72 7.05
N LYS B 576 19.13 6.83 6.07
CA LYS B 576 18.01 6.10 5.56
C LYS B 576 17.94 4.69 6.11
N ILE B 577 18.91 4.28 6.92
CA ILE B 577 18.93 2.92 7.45
C ILE B 577 17.88 2.75 8.54
N PRO B 578 17.65 3.70 9.48
CA PRO B 578 16.42 3.59 10.28
C PRO B 578 15.14 3.73 9.45
N GLU B 579 15.15 4.48 8.35
CA GLU B 579 13.96 4.54 7.50
C GLU B 579 13.72 3.23 6.78
N PHE B 580 14.77 2.55 6.35
CA PHE B 580 14.56 1.28 5.66
C PHE B 580 14.15 0.19 6.64
N ILE B 581 14.64 0.26 7.89
CA ILE B 581 14.17 -0.64 8.93
C ILE B 581 12.69 -0.41 9.24
N ALA B 582 12.27 0.86 9.35
CA ALA B 582 10.86 1.15 9.57
C ALA B 582 10.00 0.74 8.39
N PHE B 583 10.56 0.79 7.18
CA PHE B 583 9.82 0.34 6.00
C PHE B 583 9.65 -1.17 5.99
N ARG B 584 10.69 -1.93 6.34
CA ARG B 584 10.51 -3.38 6.47
C ARG B 584 9.53 -3.75 7.56
N ASN B 585 9.55 -3.03 8.68
CA ASN B 585 8.61 -3.37 9.74
C ASN B 585 7.19 -2.99 9.36
N ARG B 586 7.02 -1.93 8.58
CA ARG B 586 5.69 -1.55 8.12
C ARG B 586 5.17 -2.52 7.06
N LEU B 587 6.05 -3.15 6.31
CA LEU B 587 5.57 -4.06 5.28
C LEU B 587 5.61 -5.52 5.69
N ASN B 588 6.21 -5.85 6.83
CA ASN B 588 6.10 -7.20 7.35
C ASN B 588 5.07 -7.28 8.46
N ASN B 589 4.84 -6.18 9.16
CA ASN B 589 3.79 -6.10 10.16
C ASN B 589 2.48 -5.61 9.58
N SER B 590 2.29 -5.73 8.27
CA SER B 590 1.14 -5.11 7.65
C SER B 590 -0.07 -5.99 7.83
N LEU B 591 -1.24 -5.36 7.83
CA LEU B 591 -2.48 -6.10 8.06
C LEU B 591 -2.86 -6.91 6.83
N HIS B 592 -2.58 -6.39 5.65
CA HIS B 592 -3.00 -7.09 4.44
C HIS B 592 -2.15 -8.31 4.17
N PHE B 593 -0.91 -8.34 4.65
CA PHE B 593 -0.08 -9.54 4.53
C PHE B 593 -0.64 -10.66 5.38
N ALA B 594 -1.12 -10.35 6.58
CA ALA B 594 -1.65 -11.38 7.45
C ALA B 594 -2.96 -11.94 6.90
N GLN B 595 -3.79 -11.07 6.32
CA GLN B 595 -5.04 -11.52 5.71
C GLN B 595 -4.78 -12.39 4.49
N VAL B 596 -3.85 -11.99 3.63
CA VAL B 596 -3.55 -12.76 2.42
C VAL B 596 -2.92 -14.09 2.79
N ARG B 597 -2.09 -14.11 3.84
CA ARG B 597 -1.42 -15.34 4.25
C ARG B 597 -2.39 -16.36 4.83
N THR B 598 -3.26 -15.93 5.76
CA THR B 598 -4.20 -16.90 6.34
C THR B 598 -5.30 -17.28 5.35
N GLU B 599 -5.72 -16.37 4.46
CA GLU B 599 -6.68 -16.78 3.45
C GLU B 599 -6.06 -17.65 2.38
N ARG B 600 -4.76 -17.54 2.14
CA ARG B 600 -4.10 -18.47 1.22
C ARG B 600 -4.01 -19.86 1.83
N MET B 601 -3.72 -19.94 3.13
CA MET B 601 -3.70 -21.26 3.75
C MET B 601 -5.10 -21.87 3.84
N LEU B 602 -6.12 -21.07 4.12
CA LEU B 602 -7.48 -21.61 4.13
C LEU B 602 -8.01 -21.93 2.74
N LEU B 603 -7.53 -21.28 1.69
CA LEU B 603 -7.92 -21.68 0.35
C LEU B 603 -7.21 -22.95 -0.08
N ASP B 604 -5.92 -23.08 0.25
CA ASP B 604 -5.21 -24.32 -0.02
C ASP B 604 -5.84 -25.50 0.69
N LEU B 605 -6.31 -25.29 1.92
CA LEU B 605 -6.99 -26.34 2.66
C LEU B 605 -8.30 -26.74 1.98
N LEU B 606 -9.23 -25.81 1.81
CA LEU B 606 -10.54 -26.21 1.31
C LEU B 606 -10.58 -26.35 -0.21
N LEU B 607 -9.45 -26.26 -0.91
CA LEU B 607 -9.41 -26.68 -2.30
C LEU B 607 -8.63 -27.97 -2.52
N GLU B 608 -7.48 -28.13 -1.86
CA GLU B 608 -6.65 -29.31 -2.03
C GLU B 608 -6.56 -30.06 -0.70
N ALA B 609 -7.70 -30.16 0.00
CA ALA B 609 -7.70 -30.84 1.32
C ALA B 609 -8.90 -31.79 1.43
N ASN B 610 -8.62 -33.10 1.47
CA ASN B 610 -9.61 -34.21 1.57
C ASN B 610 -10.36 -34.37 0.25
N ILE B 611 -9.76 -33.91 -0.85
CA ILE B 611 -10.33 -34.01 -2.23
C ILE B 611 -9.14 -34.80 -2.79
N SER B 612 -7.98 -34.15 -2.81
CA SER B 612 -6.76 -34.62 -3.53
C SER B 612 -5.50 -34.08 -2.85
N THR B 613 -5.34 -34.46 -1.58
CA THR B 613 -4.18 -34.10 -0.72
C THR B 613 -4.87 -34.76 0.49
N SER B 614 -4.08 -35.20 1.48
CA SER B 614 -4.60 -35.88 2.69
C SER B 614 -4.37 -34.71 3.66
N LEU B 615 -5.39 -34.38 4.46
CA LEU B 615 -5.32 -33.24 5.42
C LEU B 615 -4.04 -33.33 6.25
N ALA B 616 -3.41 -34.51 6.30
CA ALA B 616 -2.16 -34.63 7.08
C ALA B 616 -0.96 -34.24 6.21
N GLU B 617 -0.90 -34.78 4.99
CA GLU B 617 0.11 -34.37 3.99
C GLU B 617 -0.19 -32.95 3.48
N SER B 618 -1.33 -32.36 3.84
CA SER B 618 -1.63 -30.99 3.34
C SER B 618 -1.16 -29.94 4.35
N ILE B 619 -1.06 -30.33 5.63
CA ILE B 619 -0.61 -29.44 6.69
C ILE B 619 0.91 -29.39 6.73
N LYS B 620 1.58 -30.53 6.50
CA LYS B 620 3.04 -30.57 6.55
C LYS B 620 3.67 -29.75 5.44
N SER B 621 2.98 -29.59 4.33
CA SER B 621 3.47 -28.76 3.23
C SER B 621 3.19 -27.28 3.45
N MET B 622 2.63 -26.91 4.59
CA MET B 622 2.43 -25.50 4.92
C MET B 622 3.00 -25.10 6.27
N ASN B 623 3.49 -26.07 7.07
CA ASN B 623 4.12 -25.85 8.37
C ASN B 623 3.20 -25.09 9.33
N LEU B 624 2.01 -25.65 9.57
CA LEU B 624 1.00 -24.85 10.26
C LEU B 624 1.37 -25.80 11.39
N ARG B 625 1.69 -25.18 12.53
CA ARG B 625 1.87 -25.79 13.86
C ARG B 625 0.73 -25.12 14.63
N PRO B 626 -0.08 -25.80 15.45
CA PRO B 626 -1.25 -25.13 16.02
C PRO B 626 -0.89 -24.63 17.41
N GLU B 627 0.41 -24.47 17.68
CA GLU B 627 0.89 -23.79 18.86
C GLU B 627 1.63 -22.50 18.57
N GLU B 628 1.77 -22.11 17.31
CA GLU B 628 2.53 -20.93 16.93
C GLU B 628 1.80 -20.18 15.82
N ASP B 629 1.72 -18.87 15.94
CA ASP B 629 1.15 -18.01 14.90
C ASP B 629 2.21 -17.02 14.47
N ASP B 630 2.43 -16.91 13.16
CA ASP B 630 3.33 -15.88 12.64
C ASP B 630 2.55 -14.63 12.27
N ILE B 631 1.74 -14.14 13.22
CA ILE B 631 0.99 -12.90 13.03
C ILE B 631 1.37 -12.03 14.21
N PRO B 632 1.69 -10.75 14.00
CA PRO B 632 2.24 -9.95 15.11
C PRO B 632 1.24 -9.55 16.18
N TRP B 633 0.01 -9.18 15.79
CA TRP B 633 -1.14 -8.84 16.65
C TRP B 633 -0.98 -7.59 17.49
N GLU B 634 0.22 -7.02 17.55
CA GLU B 634 0.48 -5.88 18.40
C GLU B 634 1.06 -4.71 17.65
N ASP B 635 1.73 -4.95 16.54
CA ASP B 635 2.19 -3.92 15.64
C ASP B 635 1.51 -4.08 14.29
N LEU B 636 0.27 -4.57 14.33
CA LEU B 636 -0.54 -4.70 13.08
C LEU B 636 -0.60 -3.30 12.48
N ARG B 637 -0.18 -3.16 11.22
CA ARG B 637 -0.01 -1.82 10.60
C ARG B 637 -1.28 -1.22 9.99
N ASP B 638 -2.03 -1.96 9.16
CA ASP B 638 -3.14 -1.42 8.36
C ASP B 638 -2.84 -0.22 7.46
N ASN B 639 -1.92 -0.45 6.54
CA ASN B 639 -1.47 0.58 5.63
C ASN B 639 -2.25 0.61 4.32
N ARG B 640 -3.50 0.17 4.33
CA ARG B 640 -4.41 0.37 3.22
C ARG B 640 -4.68 1.85 2.99
N ASP B 641 -5.07 2.20 1.77
CA ASP B 641 -5.09 3.61 1.37
C ASP B 641 -6.28 4.36 1.97
N LEU B 642 -7.50 3.93 1.64
CA LEU B 642 -8.79 4.47 2.10
C LEU B 642 -9.08 5.91 1.67
N ASN B 643 -8.16 6.55 0.97
CA ASN B 643 -8.36 7.88 0.41
C ASN B 643 -7.97 7.87 -1.06
N VAL B 644 -7.98 6.70 -1.68
CA VAL B 644 -7.76 6.59 -3.11
C VAL B 644 -9.01 6.96 -3.87
N PHE B 645 -10.16 6.97 -3.21
CA PHE B 645 -11.42 7.39 -3.82
C PHE B 645 -11.58 8.89 -3.64
N PHE B 646 -11.90 9.59 -4.72
CA PHE B 646 -12.20 11.00 -4.61
C PHE B 646 -13.58 11.17 -3.99
N SER B 647 -13.65 11.91 -2.90
CA SER B 647 -14.90 12.12 -2.19
C SER B 647 -15.03 13.60 -1.90
N TRP B 648 -16.06 14.22 -2.46
CA TRP B 648 -16.33 15.62 -2.26
C TRP B 648 -17.30 15.86 -1.13
N ASP B 649 -17.46 14.88 -0.22
CA ASP B 649 -18.40 14.81 0.89
C ASP B 649 -18.12 15.89 1.93
N PRO B 650 -19.12 16.30 2.72
CA PRO B 650 -18.94 17.52 3.54
C PRO B 650 -18.05 17.38 4.78
N LYS B 651 -16.98 16.59 4.67
CA LYS B 651 -15.93 16.54 5.72
C LYS B 651 -16.30 16.17 7.15
N ASP B 652 -17.55 15.75 7.36
CA ASP B 652 -18.05 15.32 8.69
C ASP B 652 -18.80 14.00 8.50
N ARG B 653 -18.53 13.32 7.37
CA ARG B 653 -19.16 12.01 7.03
C ARG B 653 -18.39 11.14 6.03
N ASP B 654 -17.08 11.33 5.95
CA ASP B 654 -16.21 10.53 5.03
C ASP B 654 -15.16 9.44 5.32
N VAL B 655 -14.13 9.77 6.10
CA VAL B 655 -13.21 8.79 6.74
C VAL B 655 -12.47 9.48 7.89
N SER B 656 -13.13 9.61 9.04
CA SER B 656 -12.58 10.23 10.22
C SER B 656 -11.46 9.33 10.70
N GLU B 657 -10.77 9.70 11.78
CA GLU B 657 -9.84 8.76 12.36
C GLU B 657 -10.56 7.68 13.15
N GLU B 658 -11.80 7.96 13.57
CA GLU B 658 -12.58 6.97 14.30
C GLU B 658 -12.99 5.82 13.39
N HIS B 659 -13.30 6.12 12.13
CA HIS B 659 -13.67 5.04 11.21
C HIS B 659 -12.47 4.20 10.82
N LYS B 660 -11.30 4.80 10.69
CA LYS B 660 -10.09 4.03 10.41
C LYS B 660 -9.72 3.15 11.61
N LYS B 661 -9.90 3.67 12.83
CA LYS B 661 -9.62 2.89 14.03
C LYS B 661 -10.60 1.73 14.18
N LEU B 662 -11.89 1.98 13.98
CA LEU B 662 -12.89 0.91 14.05
C LEU B 662 -12.73 -0.09 12.94
N SER B 663 -12.25 0.34 11.77
CA SER B 663 -12.01 -0.62 10.70
C SER B 663 -10.82 -1.51 11.02
N LEU B 664 -9.75 -0.96 11.59
CA LEU B 664 -8.64 -1.79 12.02
C LEU B 664 -9.07 -2.78 13.10
N GLU B 665 -9.92 -2.34 14.02
CA GLU B 665 -10.41 -3.23 15.07
C GLU B 665 -11.26 -4.36 14.50
N GLU B 666 -12.07 -4.06 13.48
CA GLU B 666 -12.90 -5.10 12.90
C GLU B 666 -12.10 -6.07 12.04
N GLU B 667 -11.10 -5.58 11.30
CA GLU B 667 -10.24 -6.53 10.58
C GLU B 667 -9.38 -7.35 11.51
N THR B 668 -8.95 -6.80 12.65
CA THR B 668 -8.23 -7.62 13.62
C THR B 668 -9.13 -8.66 14.28
N LEU B 669 -10.39 -8.32 14.56
CA LEU B 669 -11.31 -9.32 15.10
C LEU B 669 -11.61 -10.41 14.10
N TRP B 670 -11.85 -10.08 12.84
CA TRP B 670 -12.11 -11.15 11.89
C TRP B 670 -10.85 -11.92 11.51
N LEU B 671 -9.69 -11.30 11.60
CA LEU B 671 -8.47 -12.06 11.42
C LEU B 671 -8.18 -12.98 12.60
N ARG B 672 -8.58 -12.59 13.81
CA ARG B 672 -8.44 -13.50 14.94
C ARG B 672 -9.47 -14.61 14.92
N ILE B 673 -10.64 -14.39 14.31
CA ILE B 673 -11.55 -15.49 14.02
C ILE B 673 -11.01 -16.42 12.95
N ARG B 674 -10.38 -15.90 11.90
CA ARG B 674 -9.85 -16.71 10.82
C ARG B 674 -8.60 -17.49 11.17
N SER B 675 -7.65 -16.87 11.87
CA SER B 675 -6.41 -17.55 12.21
C SER B 675 -6.62 -18.64 13.25
N LEU B 676 -7.56 -18.43 14.16
CA LEU B 676 -7.85 -19.45 15.17
C LEU B 676 -8.55 -20.64 14.56
N THR B 677 -9.41 -20.40 13.57
CA THR B 677 -10.05 -21.50 12.84
C THR B 677 -9.01 -22.29 12.06
N LEU B 678 -8.04 -21.59 11.46
CA LEU B 678 -6.98 -22.27 10.72
C LEU B 678 -6.10 -23.11 11.64
N ARG B 679 -5.73 -22.55 12.80
CA ARG B 679 -4.88 -23.29 13.72
C ARG B 679 -5.62 -24.44 14.39
N LEU B 680 -6.91 -24.28 14.66
CA LEU B 680 -7.71 -25.37 15.20
C LEU B 680 -7.91 -26.48 14.18
N ILE B 681 -7.98 -26.14 12.90
CA ILE B 681 -8.10 -27.16 11.87
C ILE B 681 -6.80 -27.94 11.75
N SER B 682 -5.67 -27.25 11.86
CA SER B 682 -4.39 -27.92 11.65
C SER B 682 -3.95 -28.82 12.80
N GLY B 683 -4.73 -28.93 13.87
CA GLY B 683 -4.40 -29.87 14.93
C GLY B 683 -5.01 -31.24 14.79
N LEU B 684 -6.00 -31.40 13.91
CA LEU B 684 -6.68 -32.66 13.67
C LEU B 684 -5.81 -33.76 13.05
N PRO B 685 -4.83 -33.47 12.20
CA PRO B 685 -3.86 -34.53 11.87
C PRO B 685 -3.19 -33.97 13.11
N SER B 686 -2.29 -34.77 13.69
CA SER B 686 -1.49 -34.52 14.92
C SER B 686 -2.36 -34.64 16.17
N LEU B 687 -3.53 -35.26 16.03
CA LEU B 687 -4.46 -35.52 17.16
C LEU B 687 -4.59 -37.04 17.27
N ASN B 688 -4.34 -37.72 16.15
CA ASN B 688 -4.35 -39.18 16.06
C ASN B 688 -2.94 -39.71 15.78
N HIS B 689 -2.46 -40.57 16.68
CA HIS B 689 -1.14 -41.18 16.52
C HIS B 689 -1.14 -42.63 17.01
N ARG B 707 -1.51 -33.14 20.97
CA ARG B 707 -2.16 -32.96 22.27
C ARG B 707 -3.43 -32.15 22.17
N ILE B 708 -4.41 -32.52 23.00
CA ILE B 708 -5.66 -31.79 23.12
C ILE B 708 -5.55 -30.62 24.09
N ASP B 709 -4.45 -30.51 24.83
CA ASP B 709 -4.33 -29.44 25.80
C ASP B 709 -4.09 -28.09 25.13
N ILE B 710 -3.69 -28.10 23.87
CA ILE B 710 -3.54 -26.84 23.13
C ILE B 710 -4.81 -26.53 22.34
N LEU B 711 -5.45 -27.56 21.76
CA LEU B 711 -6.70 -27.34 21.01
C LEU B 711 -7.90 -27.12 21.90
N ARG B 712 -7.74 -27.19 23.21
CA ARG B 712 -8.80 -26.81 24.14
C ARG B 712 -8.66 -25.37 24.59
N LEU B 713 -7.51 -24.75 24.32
CA LEU B 713 -7.26 -23.36 24.65
C LEU B 713 -7.54 -22.44 23.47
N LEU B 714 -7.34 -22.93 22.26
CA LEU B 714 -7.77 -22.18 21.08
C LEU B 714 -9.29 -22.09 21.00
N LEU B 715 -10.00 -23.07 21.57
CA LEU B 715 -11.46 -22.95 21.65
C LEU B 715 -11.88 -21.88 22.66
N GLN B 716 -11.17 -21.79 23.79
CA GLN B 716 -11.50 -20.74 24.74
C GLN B 716 -11.11 -19.36 24.23
N GLN B 717 -10.11 -19.28 23.35
CA GLN B 717 -9.84 -18.02 22.70
C GLN B 717 -10.86 -17.72 21.61
N LEU B 718 -11.30 -18.74 20.89
CA LEU B 718 -12.20 -18.54 19.76
C LEU B 718 -13.60 -18.17 20.20
N GLU B 719 -14.09 -18.81 21.25
CA GLU B 719 -15.36 -18.38 21.82
C GLU B 719 -15.29 -17.07 22.56
N ALA B 720 -14.10 -16.56 22.86
CA ALA B 720 -13.97 -15.21 23.39
C ALA B 720 -13.98 -14.18 22.29
N THR B 721 -13.29 -14.44 21.19
CA THR B 721 -13.30 -13.50 20.09
C THR B 721 -14.58 -13.55 19.28
N LEU B 722 -15.32 -14.67 19.29
CA LEU B 722 -16.64 -14.71 18.70
C LEU B 722 -17.68 -14.04 19.57
N GLU B 723 -17.35 -13.71 20.81
CA GLU B 723 -18.23 -12.89 21.62
C GLU B 723 -17.83 -11.43 21.52
N THR B 724 -16.53 -11.15 21.37
CA THR B 724 -16.07 -9.80 21.13
C THR B 724 -16.59 -9.28 19.79
N GLY B 725 -16.58 -10.13 18.76
CA GLY B 725 -17.17 -9.75 17.49
C GLY B 725 -18.68 -9.56 17.55
N LYS B 726 -19.36 -10.41 18.31
CA LYS B 726 -20.81 -10.30 18.41
C LYS B 726 -21.22 -9.10 19.23
N ARG B 727 -20.38 -8.63 20.14
CA ARG B 727 -20.65 -7.36 20.80
C ARG B 727 -20.17 -6.17 19.97
N PHE B 728 -19.30 -6.41 18.99
CA PHE B 728 -18.89 -5.34 18.09
C PHE B 728 -19.97 -5.06 17.04
N ILE B 729 -20.64 -6.11 16.53
CA ILE B 729 -21.68 -5.94 15.53
C ILE B 729 -22.87 -5.19 16.11
N GLU B 730 -23.19 -5.42 17.38
CA GLU B 730 -24.27 -4.69 18.05
C GLU B 730 -23.96 -3.21 18.22
N LYS B 731 -22.68 -2.84 18.26
CA LYS B 731 -22.27 -1.45 18.19
C LYS B 731 -22.44 -1.01 16.75
N ASP B 732 -23.64 -0.55 16.42
CA ASP B 732 -24.04 -0.43 15.02
C ASP B 732 -23.34 0.73 14.32
N ILE B 733 -22.21 0.45 13.70
CA ILE B 733 -21.37 1.45 13.06
C ILE B 733 -21.74 1.57 11.59
N GLN B 734 -21.67 2.78 11.07
CA GLN B 734 -22.10 3.08 9.71
C GLN B 734 -20.90 3.66 8.96
N TYR B 735 -20.17 2.80 8.27
CA TYR B 735 -19.11 3.25 7.40
C TYR B 735 -19.69 3.95 6.19
N PRO B 736 -19.02 4.98 5.68
CA PRO B 736 -19.46 5.61 4.45
C PRO B 736 -19.13 4.74 3.24
N PHE B 737 -19.63 5.17 2.09
CA PHE B 737 -19.57 4.32 0.91
C PHE B 737 -18.14 4.19 0.38
N LEU B 738 -17.41 5.30 0.37
CA LEU B 738 -16.01 5.30 -0.04
C LEU B 738 -15.06 5.05 1.12
N GLY B 739 -15.57 4.47 2.19
CA GLY B 739 -14.79 4.26 3.38
C GLY B 739 -14.16 2.89 3.38
N PRO B 740 -14.14 2.24 4.55
CA PRO B 740 -13.28 1.07 4.74
C PRO B 740 -13.92 -0.32 4.63
N VAL B 741 -15.08 -0.49 4.01
CA VAL B 741 -15.67 -1.79 3.64
C VAL B 741 -16.05 -2.94 4.58
N PRO B 742 -17.01 -2.73 5.50
CA PRO B 742 -17.22 -3.63 6.65
C PRO B 742 -17.12 -5.11 6.30
N THR B 743 -16.56 -5.89 7.23
CA THR B 743 -16.10 -7.24 6.94
C THR B 743 -17.24 -8.25 6.95
N ARG B 744 -16.86 -9.50 6.71
CA ARG B 744 -17.79 -10.61 6.67
C ARG B 744 -18.24 -11.05 8.05
N MET B 745 -17.75 -10.40 9.10
CA MET B 745 -18.03 -10.82 10.46
C MET B 745 -19.51 -10.68 10.77
N GLY B 746 -20.12 -9.56 10.36
CA GLY B 746 -21.55 -9.41 10.47
C GLY B 746 -22.35 -10.36 9.62
N GLY B 747 -21.73 -10.94 8.60
CA GLY B 747 -22.39 -11.95 7.80
C GLY B 747 -21.98 -13.33 8.26
N PHE B 748 -21.07 -13.40 9.20
CA PHE B 748 -20.70 -14.68 9.78
C PHE B 748 -21.64 -15.10 10.90
N PHE B 749 -22.37 -14.16 11.48
CA PHE B 749 -23.26 -14.42 12.59
C PHE B 749 -24.73 -14.46 12.20
N ASN B 750 -25.11 -13.72 11.16
CA ASN B 750 -26.48 -13.79 10.67
C ASN B 750 -26.76 -15.15 10.07
N SER B 751 -25.98 -15.55 9.06
CA SER B 751 -25.93 -16.95 8.66
C SER B 751 -25.22 -17.67 9.76
N GLY B 752 -25.96 -18.47 10.53
CA GLY B 752 -25.34 -19.10 11.68
C GLY B 752 -24.36 -20.17 11.28
N CYS B 753 -23.10 -19.78 11.24
CA CYS B 753 -22.01 -20.67 10.92
C CYS B 753 -20.88 -20.57 11.92
N SER B 754 -20.92 -19.58 12.82
CA SER B 754 -19.98 -19.57 13.92
C SER B 754 -20.28 -20.71 14.87
N GLN B 755 -21.53 -20.81 15.32
CA GLN B 755 -21.91 -21.89 16.23
C GLN B 755 -21.92 -23.23 15.52
N CYS B 756 -22.04 -23.24 14.21
CA CYS B 756 -22.02 -24.49 13.46
C CYS B 756 -20.62 -25.06 13.31
N GLN B 757 -19.57 -24.24 13.47
CA GLN B 757 -18.21 -24.76 13.56
C GLN B 757 -17.78 -25.00 15.00
N ILE B 758 -18.27 -24.17 15.93
CA ILE B 758 -17.97 -24.36 17.35
C ILE B 758 -18.59 -25.65 17.87
N SER B 759 -19.80 -26.00 17.43
CA SER B 759 -20.40 -27.26 17.82
C SER B 759 -19.74 -28.46 17.18
N SER B 760 -18.77 -28.27 16.28
CA SER B 760 -17.95 -29.34 15.77
C SER B 760 -16.59 -29.42 16.43
N PHE B 761 -16.02 -28.27 16.78
CA PHE B 761 -14.79 -28.31 17.56
C PHE B 761 -15.05 -28.74 19.00
N TYR B 762 -16.29 -28.70 19.46
CA TYR B 762 -16.64 -29.42 20.68
C TYR B 762 -16.73 -30.92 20.44
N LEU B 763 -17.13 -31.32 19.24
CA LEU B 763 -17.28 -32.74 18.95
C LEU B 763 -15.94 -33.43 18.82
N VAL B 764 -14.92 -32.73 18.29
CA VAL B 764 -13.58 -33.34 18.26
C VAL B 764 -13.01 -33.47 19.68
N ASN B 765 -13.38 -32.55 20.57
CA ASN B 765 -13.00 -32.62 21.98
C ASN B 765 -13.64 -33.83 22.64
N ASP B 766 -14.91 -34.10 22.34
CA ASP B 766 -15.57 -35.25 22.95
C ASP B 766 -15.06 -36.57 22.36
N ILE B 767 -14.74 -36.58 21.07
CA ILE B 767 -14.23 -37.80 20.42
C ILE B 767 -12.82 -38.13 20.94
N TYR B 768 -12.00 -37.12 21.23
CA TYR B 768 -10.68 -37.39 21.80
C TYR B 768 -10.79 -37.95 23.21
N GLU B 769 -11.74 -37.47 23.99
CA GLU B 769 -11.91 -37.99 25.34
C GLU B 769 -12.44 -39.42 25.31
N LEU B 770 -13.31 -39.73 24.34
CA LEU B 770 -13.70 -41.11 24.09
C LEU B 770 -12.52 -41.96 23.63
N ASP B 771 -11.60 -41.39 22.87
CA ASP B 771 -10.46 -42.15 22.37
C ASP B 771 -9.48 -42.48 23.48
N THR B 772 -9.17 -41.52 24.33
CA THR B 772 -8.27 -41.77 25.44
C THR B 772 -8.95 -42.55 26.56
N SER B 773 -10.28 -42.59 26.60
CA SER B 773 -10.95 -43.41 27.60
C SER B 773 -11.28 -44.80 27.06
N GLY B 774 -12.06 -44.88 25.98
CA GLY B 774 -12.43 -46.15 25.39
C GLY B 774 -13.92 -46.43 25.40
N LEU B 775 -14.35 -47.42 24.63
CA LEU B 775 -15.76 -47.82 24.62
C LEU B 775 -16.02 -48.96 25.60
N GLU B 776 -15.64 -48.79 26.86
CA GLU B 776 -15.87 -49.84 27.84
C GLU B 776 -16.83 -49.38 28.92
N ASP B 777 -16.52 -48.26 29.57
CA ASP B 777 -17.37 -47.77 30.65
C ASP B 777 -17.59 -46.27 30.49
N THR B 778 -17.94 -45.85 29.28
CA THR B 778 -18.05 -44.43 28.93
C THR B 778 -19.42 -44.14 28.35
N MET B 779 -20.46 -44.62 29.02
CA MET B 779 -21.83 -44.41 28.56
C MET B 779 -22.31 -42.98 28.78
N GLU B 780 -21.55 -42.15 29.50
CA GLU B 780 -21.88 -40.74 29.62
C GLU B 780 -21.29 -39.91 28.50
N ILE B 781 -20.17 -40.34 27.92
CA ILE B 781 -19.58 -39.61 26.80
C ILE B 781 -20.24 -39.99 25.48
N GLN B 782 -20.63 -41.27 25.33
CA GLN B 782 -21.25 -41.72 24.10
C GLN B 782 -22.63 -41.10 23.89
N GLU B 783 -23.37 -40.86 24.97
CA GLU B 783 -24.67 -40.20 24.83
C GLU B 783 -24.48 -38.72 24.46
N ARG B 784 -23.40 -38.10 24.94
CA ARG B 784 -23.13 -36.72 24.56
C ARG B 784 -22.70 -36.61 23.11
N ILE B 785 -21.96 -37.60 22.61
CA ILE B 785 -21.60 -37.61 21.20
C ILE B 785 -22.81 -37.89 20.34
N GLU B 786 -23.73 -38.75 20.82
CA GLU B 786 -24.99 -38.99 20.13
C GLU B 786 -25.82 -37.73 20.04
N ASN B 787 -25.93 -36.98 21.13
CA ASN B 787 -26.70 -35.74 21.11
C ASN B 787 -25.95 -34.60 20.45
N SER B 788 -24.65 -34.76 20.21
CA SER B 788 -23.90 -33.75 19.48
C SER B 788 -23.96 -33.93 17.97
N PHE B 789 -24.03 -35.17 17.49
CA PHE B 789 -24.24 -35.42 16.06
C PHE B 789 -25.59 -34.88 15.60
N LYS B 790 -26.65 -35.21 16.35
CA LYS B 790 -28.01 -34.84 16.05
C LYS B 790 -28.26 -33.34 16.20
N SER B 791 -27.44 -32.63 16.95
CA SER B 791 -27.54 -31.18 17.03
C SER B 791 -26.55 -30.47 16.13
N LEU B 792 -25.52 -31.15 15.64
CA LEU B 792 -24.65 -30.60 14.63
C LEU B 792 -25.30 -30.63 13.25
N LEU B 793 -26.07 -31.66 12.96
CA LEU B 793 -26.78 -31.69 11.68
C LEU B 793 -27.97 -30.76 11.64
N ASP B 794 -28.61 -30.51 12.78
CA ASP B 794 -29.77 -29.62 12.79
C ASP B 794 -29.38 -28.16 12.66
N GLN B 795 -28.10 -27.84 12.84
CA GLN B 795 -27.62 -26.50 12.52
C GLN B 795 -27.24 -26.39 11.05
N LEU B 796 -26.72 -27.48 10.48
CA LEU B 796 -26.42 -27.50 9.06
C LEU B 796 -27.68 -27.48 8.21
N LYS B 797 -28.79 -27.98 8.74
CA LYS B 797 -30.07 -27.79 8.06
C LYS B 797 -30.63 -26.39 8.25
N ASP B 798 -30.07 -25.59 9.14
CA ASP B 798 -30.54 -24.22 9.35
C ASP B 798 -29.68 -23.18 8.68
N VAL B 799 -28.42 -23.48 8.37
CA VAL B 799 -27.70 -22.61 7.45
C VAL B 799 -28.35 -22.68 6.08
N PHE B 800 -28.85 -23.87 5.71
CA PHE B 800 -29.47 -24.10 4.42
C PHE B 800 -30.78 -23.34 4.27
N SER B 801 -31.54 -23.21 5.35
CA SER B 801 -32.79 -22.47 5.29
C SER B 801 -32.57 -20.97 5.23
N LYS B 802 -31.40 -20.49 5.64
CA LYS B 802 -31.06 -19.08 5.51
C LYS B 802 -30.34 -18.77 4.21
N CYS B 803 -29.75 -19.77 3.57
CA CYS B 803 -29.15 -19.57 2.26
C CYS B 803 -30.05 -20.00 1.11
N LYS B 804 -31.27 -20.47 1.40
CA LYS B 804 -32.24 -20.79 0.37
C LYS B 804 -32.98 -19.54 -0.06
N GLY B 805 -32.92 -19.22 -1.34
CA GLY B 805 -33.62 -18.08 -1.90
C GLY B 805 -33.55 -18.03 -3.41
N ASP B 806 -33.39 -16.84 -3.98
CA ASP B 806 -33.24 -16.66 -5.41
C ASP B 806 -32.28 -15.51 -5.65
N LEU B 807 -31.24 -15.74 -6.44
CA LEU B 807 -30.16 -14.77 -6.54
C LEU B 807 -30.50 -13.57 -7.40
N LEU B 808 -31.43 -13.71 -8.34
CA LEU B 808 -31.84 -12.59 -9.17
C LEU B 808 -33.34 -12.66 -9.39
N GLU B 809 -34.01 -11.55 -9.22
CA GLU B 809 -35.45 -11.48 -9.42
C GLU B 809 -35.76 -10.62 -10.64
N VAL B 810 -37.03 -10.38 -10.89
CA VAL B 810 -37.44 -9.57 -12.02
C VAL B 810 -38.55 -8.64 -11.55
N LYS B 811 -38.60 -8.43 -10.23
CA LYS B 811 -39.74 -7.85 -9.51
C LYS B 811 -40.10 -6.43 -9.96
N ASP B 812 -41.26 -6.31 -10.62
CA ASP B 812 -41.78 -5.06 -11.18
C ASP B 812 -40.81 -4.40 -12.17
N GLY B 813 -40.19 -5.20 -13.03
CA GLY B 813 -39.33 -4.68 -14.05
C GLY B 813 -37.92 -4.35 -13.63
N ASN B 814 -37.62 -4.37 -12.34
CA ASN B 814 -36.27 -4.12 -11.86
C ASN B 814 -35.53 -5.45 -11.77
N LEU B 815 -34.30 -5.45 -11.26
CA LEU B 815 -33.59 -6.72 -11.13
C LEU B 815 -33.53 -7.22 -9.69
N LYS B 816 -33.17 -6.36 -8.74
CA LYS B 816 -33.13 -6.65 -7.30
C LYS B 816 -32.22 -7.84 -6.99
N THR B 817 -30.92 -7.61 -7.18
CA THR B 817 -29.93 -8.62 -6.89
C THR B 817 -29.80 -8.84 -5.39
N HIS B 818 -29.62 -10.11 -4.99
CA HIS B 818 -29.45 -10.50 -3.60
C HIS B 818 -28.04 -11.05 -3.42
N PRO B 819 -27.12 -10.31 -2.85
CA PRO B 819 -25.78 -10.86 -2.64
C PRO B 819 -25.64 -11.62 -1.34
N THR B 820 -26.57 -11.40 -0.41
CA THR B 820 -26.53 -12.07 0.88
C THR B 820 -26.80 -13.56 0.74
N LEU B 821 -27.66 -13.94 -0.20
CA LEU B 821 -27.91 -15.34 -0.49
C LEU B 821 -26.75 -15.99 -1.22
N LEU B 822 -25.77 -15.22 -1.69
CA LEU B 822 -24.54 -15.77 -2.22
C LEU B 822 -23.41 -15.81 -1.18
N GLU B 823 -23.36 -14.85 -0.26
CA GLU B 823 -22.39 -14.93 0.81
C GLU B 823 -22.74 -16.00 1.84
N ASN B 824 -24.02 -16.20 2.14
CA ASN B 824 -24.46 -17.32 2.97
C ASN B 824 -24.32 -18.66 2.28
N LEU B 825 -23.98 -18.68 1.00
CA LEU B 825 -23.75 -19.92 0.28
C LEU B 825 -22.26 -20.20 0.13
N VAL B 826 -21.41 -19.22 0.37
CA VAL B 826 -19.97 -19.47 0.54
C VAL B 826 -19.68 -19.85 1.98
N PHE B 827 -20.39 -19.24 2.93
CA PHE B 827 -20.25 -19.61 4.32
C PHE B 827 -20.81 -20.99 4.62
N PHE B 828 -21.52 -21.60 3.69
CA PHE B 828 -21.92 -22.99 3.85
C PHE B 828 -20.88 -23.95 3.33
N VAL B 829 -20.20 -23.62 2.23
CA VAL B 829 -19.14 -24.49 1.74
C VAL B 829 -17.93 -24.43 2.66
N GLU B 830 -17.59 -23.24 3.16
CA GLU B 830 -16.52 -23.13 4.14
C GLU B 830 -16.85 -23.73 5.49
N THR B 831 -18.13 -24.03 5.76
CA THR B 831 -18.54 -24.71 6.98
C THR B 831 -18.58 -26.21 6.81
N ILE B 832 -19.15 -26.73 5.72
CA ILE B 832 -19.19 -28.18 5.57
C ILE B 832 -17.84 -28.73 5.15
N SER B 833 -16.90 -27.87 4.72
CA SER B 833 -15.53 -28.34 4.62
C SER B 833 -14.94 -28.63 6.01
N VAL B 834 -15.23 -27.76 6.99
CA VAL B 834 -14.77 -27.99 8.36
C VAL B 834 -15.46 -29.19 8.98
N ILE B 835 -16.76 -29.34 8.71
CA ILE B 835 -17.52 -30.48 9.21
C ILE B 835 -17.00 -31.78 8.60
N LEU B 836 -16.64 -31.79 7.33
CA LEU B 836 -16.08 -33.00 6.74
C LEU B 836 -14.60 -33.22 7.06
N TRP B 837 -13.90 -32.22 7.59
CA TRP B 837 -12.59 -32.51 8.14
C TRP B 837 -12.71 -33.18 9.50
N VAL B 838 -13.56 -32.61 10.37
CA VAL B 838 -13.74 -33.14 11.71
C VAL B 838 -14.40 -34.51 11.67
N SER B 839 -15.38 -34.70 10.77
CA SER B 839 -16.00 -36.00 10.59
C SER B 839 -15.06 -37.01 9.97
N SER B 840 -14.03 -36.56 9.25
CA SER B 840 -12.99 -37.48 8.82
C SER B 840 -12.02 -37.80 9.93
N TYR B 841 -11.94 -36.96 10.96
CA TYR B 841 -11.15 -37.35 12.12
C TYR B 841 -11.85 -38.44 12.93
N CYS B 842 -13.17 -38.30 13.14
CA CYS B 842 -13.89 -39.28 13.97
C CYS B 842 -13.99 -40.64 13.29
N GLU B 843 -13.97 -40.66 11.97
CA GLU B 843 -13.80 -41.91 11.24
C GLU B 843 -12.46 -42.56 11.52
N SER B 844 -11.41 -41.77 11.77
CA SER B 844 -10.12 -42.33 12.11
C SER B 844 -10.03 -42.80 13.54
N VAL B 845 -11.06 -42.57 14.35
CA VAL B 845 -11.12 -43.02 15.72
C VAL B 845 -12.07 -44.21 15.87
N LEU B 846 -13.24 -44.13 15.26
CA LEU B 846 -14.25 -45.16 15.49
C LEU B 846 -14.00 -46.41 14.67
N ARG B 847 -13.31 -46.30 13.55
CA ARG B 847 -13.09 -47.44 12.68
C ARG B 847 -12.12 -48.46 13.29
N PRO B 848 -10.99 -48.09 13.94
CA PRO B 848 -10.27 -49.11 14.69
C PRO B 848 -11.04 -49.67 15.88
N TYR B 849 -11.93 -48.90 16.49
CA TYR B 849 -12.76 -49.44 17.56
C TYR B 849 -13.79 -50.41 17.02
N LYS B 850 -14.34 -50.13 15.84
CA LYS B 850 -15.32 -51.05 15.26
C LYS B 850 -14.63 -52.30 14.74
N LEU B 851 -13.39 -52.17 14.26
CA LEU B 851 -12.65 -53.36 13.86
C LEU B 851 -12.18 -54.16 15.07
N ASN B 852 -12.00 -53.50 16.21
CA ASN B 852 -11.75 -54.21 17.46
C ASN B 852 -13.04 -54.69 18.12
N LEU B 853 -14.19 -54.33 17.55
CA LEU B 853 -15.53 -54.73 17.98
C LEU B 853 -15.83 -54.37 19.44
N ILE B 865 -21.03 -49.87 20.90
CA ILE B 865 -21.81 -50.61 19.91
C ILE B 865 -23.10 -49.83 19.70
N ILE B 866 -23.33 -48.84 20.55
CA ILE B 866 -24.51 -48.00 20.41
C ILE B 866 -24.20 -46.71 19.66
N MET B 867 -23.02 -46.14 19.87
CA MET B 867 -22.62 -44.87 19.29
C MET B 867 -22.13 -44.93 17.83
N PRO B 868 -21.43 -45.96 17.34
CA PRO B 868 -21.18 -46.03 15.87
C PRO B 868 -22.45 -46.15 15.02
N PRO B 869 -23.57 -46.74 15.49
CA PRO B 869 -24.80 -46.59 14.71
C PRO B 869 -25.45 -45.21 14.74
N VAL B 870 -24.93 -44.23 15.46
CA VAL B 870 -25.42 -42.88 15.22
C VAL B 870 -24.43 -42.10 14.36
N PHE B 871 -23.15 -42.52 14.35
CA PHE B 871 -22.22 -41.96 13.38
C PHE B 871 -22.56 -42.41 11.97
N THR B 872 -23.05 -43.64 11.81
CA THR B 872 -23.46 -44.10 10.49
C THR B 872 -24.68 -43.34 9.97
N SER B 873 -25.60 -42.96 10.86
CA SER B 873 -26.75 -42.16 10.46
C SER B 873 -26.40 -40.70 10.21
N PHE B 874 -25.50 -40.13 11.02
CA PHE B 874 -24.98 -38.79 10.76
C PHE B 874 -24.25 -38.72 9.43
N GLN B 875 -23.50 -39.77 9.11
CA GLN B 875 -22.79 -39.84 7.85
C GLN B 875 -23.69 -40.10 6.66
N ASP B 876 -24.77 -40.85 6.85
CA ASP B 876 -25.74 -41.09 5.79
C ASP B 876 -26.70 -39.93 5.61
N TYR B 877 -26.74 -39.00 6.56
CA TYR B 877 -27.58 -37.82 6.42
C TYR B 877 -26.83 -36.58 5.98
N VAL B 878 -25.53 -36.46 6.26
CA VAL B 878 -24.83 -35.29 5.76
C VAL B 878 -24.58 -35.42 4.26
N THR B 879 -24.55 -36.65 3.73
CA THR B 879 -24.54 -36.83 2.28
C THR B 879 -25.88 -36.43 1.67
N GLY B 880 -26.98 -36.80 2.34
CA GLY B 880 -28.31 -36.41 1.90
C GLY B 880 -28.59 -34.94 2.04
N LEU B 881 -27.80 -34.22 2.83
CA LEU B 881 -27.84 -32.76 2.84
C LEU B 881 -26.92 -32.14 1.79
N GLN B 882 -25.75 -32.73 1.54
CA GLN B 882 -24.88 -32.17 0.52
C GLN B 882 -25.44 -32.36 -0.87
N THR B 883 -26.25 -33.40 -1.09
CA THR B 883 -26.96 -33.52 -2.35
C THR B 883 -28.01 -32.41 -2.51
N LEU B 884 -28.69 -32.06 -1.42
CA LEU B 884 -29.68 -30.98 -1.48
C LEU B 884 -29.03 -29.63 -1.74
N ILE B 885 -27.87 -29.36 -1.13
CA ILE B 885 -27.19 -28.10 -1.41
C ILE B 885 -26.51 -28.14 -2.78
N SER B 886 -26.16 -29.33 -3.27
CA SER B 886 -25.64 -29.39 -4.63
C SER B 886 -26.74 -29.37 -5.67
N ASN B 887 -28.01 -29.45 -5.26
CA ASN B 887 -29.13 -29.22 -6.16
C ASN B 887 -29.74 -27.83 -6.04
N VAL B 888 -29.53 -27.11 -4.93
CA VAL B 888 -29.92 -25.71 -4.87
C VAL B 888 -28.87 -24.82 -5.51
N VAL B 889 -27.71 -25.38 -5.87
CA VAL B 889 -26.70 -24.67 -6.63
C VAL B 889 -26.90 -25.17 -8.07
N ASP B 890 -28.11 -25.64 -8.34
CA ASP B 890 -28.70 -25.59 -9.68
C ASP B 890 -29.68 -24.44 -9.80
N HIS B 891 -29.27 -23.27 -9.27
CA HIS B 891 -29.74 -21.95 -9.67
C HIS B 891 -29.29 -21.57 -11.07
N ILE B 892 -28.35 -22.33 -11.63
CA ILE B 892 -27.88 -22.12 -12.99
C ILE B 892 -29.04 -22.24 -13.98
N LYS B 893 -29.94 -23.18 -13.74
CA LYS B 893 -31.16 -23.30 -14.52
C LYS B 893 -32.10 -22.13 -14.25
N GLY B 894 -32.04 -21.55 -13.06
CA GLY B 894 -32.93 -20.46 -12.72
C GLY B 894 -32.36 -19.09 -13.10
N LEU B 895 -31.05 -19.03 -13.34
CA LEU B 895 -30.41 -17.78 -13.72
C LEU B 895 -30.22 -17.69 -15.23
N GLU B 896 -30.05 -18.84 -15.89
CA GLU B 896 -29.87 -18.83 -17.33
C GLU B 896 -31.15 -18.52 -18.07
N THR B 897 -32.30 -18.62 -17.39
CA THR B 897 -33.57 -18.34 -18.03
C THR B 897 -33.97 -16.87 -17.93
N HIS B 898 -33.16 -16.02 -17.30
CA HIS B 898 -33.46 -14.59 -17.30
C HIS B 898 -33.21 -13.98 -18.66
N LEU B 899 -34.27 -13.48 -19.30
CA LEU B 899 -34.12 -12.90 -20.63
C LEU B 899 -33.71 -11.44 -20.55
N ILE B 900 -33.96 -10.81 -19.39
CA ILE B 900 -33.76 -9.39 -19.04
C ILE B 900 -33.97 -8.37 -20.17
N SER B 915 -31.07 8.57 -22.89
CA SER B 915 -30.36 8.32 -24.13
C SER B 915 -30.41 6.84 -24.47
N PRO B 916 -30.46 6.51 -25.76
CA PRO B 916 -30.48 5.09 -26.15
C PRO B 916 -29.17 4.38 -25.92
N GLU B 917 -28.06 5.11 -25.73
CA GLU B 917 -26.81 4.45 -25.39
C GLU B 917 -26.76 4.10 -23.91
N GLU B 918 -27.52 4.83 -23.09
CA GLU B 918 -27.68 4.42 -21.70
C GLU B 918 -28.59 3.19 -21.62
N ARG B 919 -29.46 3.01 -22.60
CA ARG B 919 -30.30 1.81 -22.62
C ARG B 919 -29.54 0.63 -23.21
N LYS B 920 -28.38 0.85 -23.80
CA LYS B 920 -27.54 -0.24 -24.23
C LYS B 920 -26.61 -0.73 -23.13
N PHE B 921 -26.13 0.16 -22.25
CA PHE B 921 -25.15 -0.25 -21.26
C PHE B 921 -25.81 -0.94 -20.09
N SER B 922 -27.14 -0.81 -19.94
CA SER B 922 -27.85 -1.62 -18.96
C SER B 922 -27.80 -3.09 -19.32
N LYS B 923 -27.86 -3.41 -20.60
CA LYS B 923 -27.80 -4.80 -21.03
C LYS B 923 -26.39 -5.36 -21.03
N THR B 924 -25.38 -4.55 -20.73
CA THR B 924 -24.04 -5.04 -20.45
C THR B 924 -23.74 -5.12 -18.97
N VAL B 925 -24.25 -4.16 -18.19
CA VAL B 925 -24.11 -4.20 -16.73
C VAL B 925 -24.87 -5.38 -16.13
N GLN B 926 -26.13 -5.56 -16.54
CA GLN B 926 -26.90 -6.70 -16.03
C GLN B 926 -26.39 -8.01 -16.60
N GLY B 927 -25.90 -8.00 -17.83
CA GLY B 927 -25.25 -9.16 -18.40
C GLY B 927 -23.88 -9.47 -17.82
N LYS B 928 -23.30 -8.54 -17.05
CA LYS B 928 -22.11 -8.81 -16.26
C LYS B 928 -22.44 -9.33 -14.87
N VAL B 929 -23.45 -8.78 -14.21
CA VAL B 929 -23.83 -9.26 -12.88
C VAL B 929 -24.40 -10.67 -12.95
N GLN B 930 -25.24 -10.96 -13.95
CA GLN B 930 -25.80 -12.30 -14.10
C GLN B 930 -24.72 -13.32 -14.47
N SER B 931 -23.85 -12.98 -15.41
CA SER B 931 -22.80 -13.91 -15.79
C SER B 931 -21.65 -13.95 -14.80
N SER B 932 -21.66 -13.14 -13.74
CA SER B 932 -20.77 -13.39 -12.63
C SER B 932 -21.40 -14.22 -11.52
N TYR B 933 -22.71 -14.06 -11.27
CA TYR B 933 -23.38 -14.98 -10.35
C TYR B 933 -23.34 -16.40 -10.87
N LEU B 934 -23.47 -16.57 -12.19
CA LEU B 934 -23.44 -17.89 -12.78
C LEU B 934 -22.06 -18.53 -12.66
N HIS B 935 -21.01 -17.72 -12.82
CA HIS B 935 -19.65 -18.21 -12.65
C HIS B 935 -19.29 -18.45 -11.18
N SER B 936 -19.92 -17.77 -10.24
CA SER B 936 -19.71 -18.10 -8.84
C SER B 936 -20.37 -19.41 -8.46
N LEU B 937 -21.63 -19.59 -8.87
CA LEU B 937 -22.33 -20.84 -8.58
C LEU B 937 -21.73 -22.02 -9.28
N LEU B 938 -21.08 -21.81 -10.44
CA LEU B 938 -20.38 -22.89 -11.11
C LEU B 938 -19.24 -23.43 -10.26
N GLU B 939 -18.44 -22.53 -9.68
CA GLU B 939 -17.30 -22.98 -8.89
C GLU B 939 -17.73 -23.57 -7.56
N MET B 940 -18.78 -23.03 -6.95
CA MET B 940 -19.24 -23.62 -5.69
C MET B 940 -19.89 -24.98 -5.90
N GLY B 941 -20.64 -25.15 -6.98
CA GLY B 941 -21.20 -26.46 -7.28
C GLY B 941 -20.14 -27.46 -7.70
N GLU B 942 -19.13 -27.02 -8.43
CA GLU B 942 -18.02 -27.87 -8.79
C GLU B 942 -17.18 -28.29 -7.58
N LEU B 943 -17.07 -27.44 -6.57
CA LEU B 943 -16.39 -27.85 -5.34
C LEU B 943 -17.23 -28.80 -4.49
N LEU B 944 -18.54 -28.58 -4.41
CA LEU B 944 -19.37 -29.50 -3.64
C LEU B 944 -19.52 -30.86 -4.33
N LYS B 945 -19.45 -30.90 -5.66
CA LYS B 945 -19.49 -32.20 -6.32
C LYS B 945 -18.20 -32.97 -6.17
N LYS B 946 -17.12 -32.35 -5.72
CA LYS B 946 -15.92 -33.06 -5.32
C LYS B 946 -15.87 -33.32 -3.82
N ARG B 947 -16.54 -32.49 -3.02
CA ARG B 947 -16.62 -32.68 -1.58
C ARG B 947 -17.60 -33.78 -1.21
N LEU B 948 -18.62 -34.01 -2.03
CA LEU B 948 -19.57 -35.08 -1.76
C LEU B 948 -18.95 -36.45 -1.98
N GLU B 949 -17.93 -36.54 -2.83
CA GLU B 949 -17.24 -37.80 -3.03
C GLU B 949 -16.35 -38.18 -1.87
N THR B 950 -15.96 -37.22 -1.01
CA THR B 950 -15.15 -37.54 0.15
C THR B 950 -15.95 -38.18 1.26
N THR B 951 -17.28 -38.15 1.19
CA THR B 951 -18.12 -38.83 2.15
C THR B 951 -18.26 -40.31 1.88
N LYS B 952 -17.61 -40.83 0.83
CA LYS B 952 -17.53 -42.26 0.60
C LYS B 952 -16.37 -42.91 1.31
N LYS B 953 -15.50 -42.10 1.93
CA LYS B 953 -14.41 -42.60 2.75
C LYS B 953 -14.70 -42.45 4.23
N LEU B 954 -15.93 -42.10 4.60
CA LEU B 954 -16.28 -41.85 5.99
C LEU B 954 -17.36 -42.78 6.52
N LYS B 955 -17.91 -43.66 5.69
CA LYS B 955 -18.99 -44.52 6.13
C LYS B 955 -18.47 -45.67 7.00
N ILE B 956 -18.60 -45.53 8.30
CA ILE B 956 -18.19 -46.56 9.24
C ILE B 956 -19.02 -46.45 10.52
N MET C 2 10.23 8.52 -17.71
CA MET C 2 9.88 7.19 -17.23
C MET C 2 10.77 6.16 -17.87
N ASP C 3 11.41 5.33 -17.07
CA ASP C 3 12.24 4.24 -17.55
C ASP C 3 11.46 2.94 -17.53
N VAL C 4 12.08 1.88 -18.06
CA VAL C 4 11.45 0.57 -18.05
C VAL C 4 11.56 -0.02 -16.65
N PHE C 5 10.76 -1.05 -16.39
CA PHE C 5 10.66 -1.58 -15.03
C PHE C 5 11.83 -2.47 -14.66
N MET C 6 12.43 -3.15 -15.63
CA MET C 6 13.50 -4.09 -15.33
C MET C 6 14.48 -4.20 -16.49
#